data_2R82
#
_entry.id   2R82
#
_cell.length_a   90.352
_cell.length_b   125.096
_cell.length_c   183.978
_cell.angle_alpha   90.00
_cell.angle_beta   90.00
_cell.angle_gamma   90.00
#
_symmetry.space_group_name_H-M   'C 2 2 21'
#
loop_
_entity.id
_entity.type
_entity.pdbx_description
1 polymer 'Pyruvate, phosphate dikinase'
2 non-polymer 'SULFATE ION'
#
_entity_poly.entity_id   1
_entity_poly.type   'polypeptide(L)'
_entity_poly.pdbx_seq_one_letter_code
;MAKWVYKFEEGNASMRNLLGGKGCNLAEMTILGMPIPQGFTVTTEACTEYYNSGKQITQEIQDQIFEAITWLEELNGKKF
GDTEDPLLVSVRSGARASMPGMMDTILNLGLNDVAVEGFAKKTGNPRFAYDSYRRFIQMYSDVVMEVPKSHFEKIIDAMK
EEKGVHFDTDLTADDLKELAEKFKAVYKEAMNGEEFPQEPKDQLMGAVKAVFRSWDNPEAIVYRRMNDIPGDWGTAVNVQ
TMVFGNKGETSGTGVAFTRNPDTGEKGIYGRYLINAQGEDVVAGVRTPQPITQLENDMPDCYKQFMDLAMKLEKHFRDMQ
DMEFTIEEGKLYFLQTRNGKRTAPAALQIACDLVDEGMITEEEAVVRIEAKSLDQLLHPTFNPAALKAGEVIGSALPASP
GAAAGKVYFTADEAKAAHEKGERVILVRLETSPEDIEGMHAAEGILTVRGGMTSHAAVVARGMGTCCVSGCGEIKINEEA
KTFELGGHTFAEGDYISLDGSTGKIYKGDIETQEASVSGSFERIMVWADKFRTLKVRTNADTPEDTLNAVKLGAEGIGLC
RTEHMFFEADRIMKIRKMILSDSVEAREEALNELIPFQKGDFKAMYKALEGRPMTVRYLDPPLHEFVPHTEEEQAELAKN
MGLTLAEVKAKVDELHEFNPMMGHRGCRLAVTYPEIAKMQTRAVMEAAIEVKEETGIDIVPEIMIPLVGEKKELKFVKDV
VVEVAEQVKKEKGSDMQYHIGTMIEIPRAALTADAIAEEAEFFSFGTNDLTQMTFGFSRDDAGKFLDSYYKAKIYESDPF
ARLDQTGVGQLVEMAVKKGRQTRPGLKCGICGEHGGDPSSVEFCHKVGLNYVSCSPFRVPIARLAAAQAALNNK
;
_entity_poly.pdbx_strand_id   A
#
loop_
_chem_comp.id
_chem_comp.type
_chem_comp.name
_chem_comp.formula
SO4 non-polymer 'SULFATE ION' 'O4 S -2'
#
# COMPACT_ATOMS: atom_id res chain seq x y z
N ALA A 2 0.38 -24.37 42.47
CA ALA A 2 0.57 -22.88 42.45
C ALA A 2 -0.76 -22.16 42.11
N LYS A 3 -0.70 -21.10 41.31
CA LYS A 3 -1.88 -20.38 40.86
C LYS A 3 -1.89 -20.39 39.33
N TRP A 4 -2.80 -21.16 38.74
CA TRP A 4 -2.85 -21.30 37.27
C TRP A 4 -4.04 -20.58 36.63
N VAL A 5 -4.84 -19.87 37.43
CA VAL A 5 -6.05 -19.19 36.95
C VAL A 5 -6.15 -17.78 37.50
N TYR A 6 -6.20 -16.81 36.59
CA TYR A 6 -6.32 -15.40 36.96
C TYR A 6 -7.61 -14.81 36.39
N LYS A 7 -8.31 -14.04 37.21
CA LYS A 7 -9.51 -13.33 36.77
C LYS A 7 -9.04 -12.10 36.03
N PHE A 8 -9.87 -11.55 35.14
CA PHE A 8 -9.43 -10.41 34.33
C PHE A 8 -9.04 -9.20 35.18
N GLU A 9 -9.71 -9.03 36.31
CA GLU A 9 -9.43 -7.93 37.23
C GLU A 9 -8.07 -8.05 37.95
N GLU A 10 -7.49 -9.25 37.94
CA GLU A 10 -6.22 -9.51 38.63
C GLU A 10 -4.99 -9.51 37.71
N GLY A 11 -5.12 -8.99 36.48
CA GLY A 11 -4.00 -8.94 35.52
C GLY A 11 -3.74 -7.54 34.99
N ASN A 12 -2.83 -7.45 34.03
CA ASN A 12 -2.58 -6.21 33.29
C ASN A 12 -1.66 -6.48 32.10
N ALA A 13 -1.35 -5.44 31.33
CA ALA A 13 -0.54 -5.59 30.12
C ALA A 13 0.86 -6.17 30.38
N SER A 14 1.43 -5.91 31.57
CA SER A 14 2.79 -6.38 31.90
C SER A 14 2.90 -7.89 32.13
N MET A 15 1.77 -8.57 32.38
CA MET A 15 1.73 -10.03 32.54
C MET A 15 1.36 -10.74 31.24
N ARG A 16 1.88 -10.20 30.14
CA ARG A 16 1.69 -10.75 28.79
C ARG A 16 2.23 -12.17 28.69
N ASN A 17 3.41 -12.36 29.28
CA ASN A 17 4.10 -13.64 29.26
C ASN A 17 3.25 -14.78 29.81
N LEU A 18 2.53 -14.47 30.89
CA LEU A 18 1.76 -15.45 31.66
C LEU A 18 0.33 -15.63 31.16
N LEU A 19 -0.33 -14.52 30.86
CA LEU A 19 -1.75 -14.53 30.43
C LEU A 19 -1.95 -14.62 28.91
N GLY A 20 -0.85 -14.53 28.16
CA GLY A 20 -0.94 -14.47 26.70
C GLY A 20 -1.34 -13.06 26.28
N GLY A 21 -1.29 -12.81 24.97
CA GLY A 21 -1.62 -11.50 24.41
C GLY A 21 -3.09 -11.12 24.52
N LYS A 22 -3.98 -12.10 24.32
CA LYS A 22 -5.41 -11.88 24.47
C LYS A 22 -5.74 -11.67 25.95
N GLY A 23 -5.34 -12.62 26.80
CA GLY A 23 -5.62 -12.54 28.23
C GLY A 23 -5.24 -11.22 28.86
N CYS A 24 -4.04 -10.75 28.58
CA CYS A 24 -3.55 -9.50 29.15
C CYS A 24 -4.35 -8.31 28.62
N ASN A 25 -4.67 -8.33 27.32
CA ASN A 25 -5.49 -7.27 26.69
C ASN A 25 -6.92 -7.22 27.21
N LEU A 26 -7.43 -8.37 27.62
CA LEU A 26 -8.75 -8.44 28.21
C LEU A 26 -8.68 -7.82 29.60
N ALA A 27 -7.65 -8.19 30.35
CA ALA A 27 -7.41 -7.62 31.66
C ALA A 27 -7.28 -6.11 31.58
N GLU A 28 -6.33 -5.64 30.77
CA GLU A 28 -6.12 -4.21 30.54
C GLU A 28 -7.47 -3.50 30.44
N MET A 29 -8.27 -3.92 29.48
CA MET A 29 -9.55 -3.24 29.17
C MET A 29 -10.55 -3.36 30.33
N THR A 30 -10.36 -4.35 31.20
CA THR A 30 -11.16 -4.48 32.41
C THR A 30 -10.77 -3.46 33.48
N ILE A 31 -9.48 -3.17 33.56
CA ILE A 31 -8.95 -2.12 34.45
C ILE A 31 -9.49 -0.76 34.00
N LEU A 32 -9.64 -0.60 32.69
CA LEU A 32 -10.15 0.63 32.10
C LEU A 32 -11.61 0.87 32.43
N GLY A 33 -12.19 0.06 33.30
CA GLY A 33 -13.56 0.23 33.72
C GLY A 33 -14.55 -0.20 32.67
N MET A 34 -14.08 -0.94 31.66
CA MET A 34 -14.96 -1.38 30.61
C MET A 34 -15.66 -2.65 31.05
N PRO A 35 -17.01 -2.62 31.05
CA PRO A 35 -17.79 -3.77 31.47
C PRO A 35 -17.74 -4.85 30.41
N ILE A 36 -16.59 -5.50 30.32
CA ILE A 36 -16.38 -6.57 29.36
C ILE A 36 -17.12 -7.76 29.94
N PRO A 37 -17.64 -8.65 29.07
CA PRO A 37 -18.15 -9.89 29.62
C PRO A 37 -17.10 -10.57 30.51
N GLN A 38 -17.41 -10.66 31.81
CA GLN A 38 -16.46 -11.09 32.84
C GLN A 38 -15.91 -12.49 32.57
N GLY A 39 -14.66 -12.73 32.98
CA GLY A 39 -14.01 -14.01 32.71
C GLY A 39 -12.68 -14.20 33.45
N PHE A 40 -11.95 -15.24 33.06
CA PHE A 40 -10.66 -15.55 33.65
C PHE A 40 -9.73 -16.10 32.58
N THR A 41 -8.49 -16.37 32.97
CA THR A 41 -7.50 -16.88 32.04
C THR A 41 -6.70 -18.01 32.67
N VAL A 42 -6.58 -19.10 31.94
CA VAL A 42 -5.73 -20.20 32.32
C VAL A 42 -4.36 -19.80 31.81
N THR A 43 -3.36 -19.83 32.68
CA THR A 43 -2.03 -19.30 32.35
C THR A 43 -1.23 -20.16 31.34
N THR A 44 -0.21 -19.54 30.72
CA THR A 44 0.67 -20.24 29.77
C THR A 44 1.61 -21.20 30.50
N GLU A 45 1.76 -20.99 31.80
CA GLU A 45 2.48 -21.91 32.66
C GLU A 45 1.66 -23.19 32.88
N ALA A 46 0.33 -23.05 32.86
CA ALA A 46 -0.56 -24.20 32.90
C ALA A 46 -0.44 -25.03 31.62
N CYS A 47 -0.07 -24.40 30.51
CA CYS A 47 0.23 -25.12 29.26
C CYS A 47 1.55 -25.88 29.35
N THR A 48 2.52 -25.32 30.07
CA THR A 48 3.78 -26.01 30.32
C THR A 48 3.59 -27.20 31.28
N GLU A 49 2.82 -27.01 32.35
CA GLU A 49 2.56 -28.08 33.33
C GLU A 49 1.83 -29.30 32.74
N TYR A 50 0.91 -29.04 31.79
CA TYR A 50 0.21 -30.11 31.04
C TYR A 50 1.17 -31.01 30.26
N TYR A 51 2.13 -30.38 29.59
CA TYR A 51 3.13 -31.13 28.83
C TYR A 51 4.16 -31.83 29.72
N ASN A 52 4.37 -31.30 30.92
CA ASN A 52 5.23 -31.96 31.92
C ASN A 52 4.47 -32.95 32.82
N SER A 53 3.21 -33.21 32.51
CA SER A 53 2.41 -34.22 33.23
C SER A 53 1.99 -35.39 32.34
N GLY A 54 2.55 -35.45 31.12
CA GLY A 54 2.23 -36.51 30.17
C GLY A 54 0.76 -36.57 29.75
N LYS A 55 0.27 -35.47 29.18
CA LYS A 55 -1.11 -35.36 28.66
C LYS A 55 -2.18 -35.78 29.68
N GLN A 56 -2.02 -35.29 30.91
CA GLN A 56 -2.98 -35.50 31.98
C GLN A 56 -3.02 -34.26 32.85
N ILE A 57 -4.12 -33.51 32.74
CA ILE A 57 -4.28 -32.26 33.48
C ILE A 57 -4.21 -32.53 34.98
N THR A 58 -3.47 -31.69 35.68
CA THR A 58 -3.28 -31.84 37.12
C THR A 58 -4.60 -31.52 37.82
N GLN A 59 -4.98 -32.34 38.79
CA GLN A 59 -6.20 -32.10 39.58
C GLN A 59 -6.18 -30.66 40.09
N GLU A 60 -5.00 -30.21 40.52
CA GLU A 60 -4.79 -28.84 40.97
C GLU A 60 -5.43 -27.88 39.96
N ILE A 61 -4.94 -27.90 38.72
CA ILE A 61 -5.41 -26.99 37.68
C ILE A 61 -6.93 -27.09 37.53
N GLN A 62 -7.43 -28.29 37.21
CA GLN A 62 -8.87 -28.52 37.03
C GLN A 62 -9.64 -27.83 38.14
N ASP A 63 -9.19 -28.03 39.37
CA ASP A 63 -9.89 -27.50 40.53
C ASP A 63 -9.97 -25.97 40.45
N GLN A 64 -8.84 -25.32 40.17
CA GLN A 64 -8.80 -23.85 40.05
C GLN A 64 -9.59 -23.30 38.85
N ILE A 65 -9.79 -24.13 37.83
CA ILE A 65 -10.71 -23.80 36.73
C ILE A 65 -12.13 -23.85 37.25
N PHE A 66 -12.50 -24.96 37.91
CA PHE A 66 -13.84 -25.12 38.51
C PHE A 66 -14.16 -24.03 39.54
N GLU A 67 -13.12 -23.57 40.25
CA GLU A 67 -13.24 -22.48 41.23
C GLU A 67 -13.58 -21.15 40.58
N ALA A 68 -12.81 -20.79 39.57
CA ALA A 68 -13.10 -19.59 38.78
C ALA A 68 -14.49 -19.68 38.13
N ILE A 69 -14.88 -20.85 37.65
CA ILE A 69 -16.22 -21.04 37.08
C ILE A 69 -17.29 -20.67 38.11
N THR A 70 -17.15 -21.18 39.32
CA THR A 70 -18.05 -20.86 40.42
C THR A 70 -18.11 -19.34 40.66
N TRP A 71 -16.96 -18.66 40.54
CA TRP A 71 -16.91 -17.20 40.70
C TRP A 71 -17.78 -16.49 39.65
N LEU A 72 -17.62 -16.88 38.37
CA LEU A 72 -18.40 -16.29 37.27
C LEU A 72 -19.89 -16.43 37.49
N GLU A 73 -20.30 -17.64 37.89
CA GLU A 73 -21.70 -17.96 38.18
C GLU A 73 -22.30 -17.01 39.21
N GLU A 74 -21.54 -16.71 40.26
CA GLU A 74 -21.99 -15.84 41.33
C GLU A 74 -22.19 -14.42 40.82
N LEU A 75 -21.25 -13.95 40.01
CA LEU A 75 -21.39 -12.62 39.40
C LEU A 75 -22.63 -12.58 38.56
N ASN A 76 -22.75 -13.54 37.65
CA ASN A 76 -23.86 -13.58 36.69
C ASN A 76 -25.20 -14.02 37.32
N GLY A 77 -25.13 -14.51 38.55
CA GLY A 77 -26.33 -14.86 39.31
C GLY A 77 -26.98 -16.18 38.90
N LYS A 78 -26.36 -16.89 37.95
CA LYS A 78 -26.93 -18.15 37.46
C LYS A 78 -25.89 -19.22 37.12
N LYS A 79 -26.24 -20.47 37.42
CA LYS A 79 -25.33 -21.61 37.32
C LYS A 79 -24.90 -21.90 35.89
N PHE A 80 -23.97 -22.84 35.76
CA PHE A 80 -23.49 -23.30 34.47
C PHE A 80 -24.45 -24.33 33.87
N GLY A 81 -25.44 -23.86 33.12
CA GLY A 81 -26.40 -24.75 32.46
C GLY A 81 -27.62 -25.09 33.30
N ASP A 82 -28.09 -24.11 34.07
CA ASP A 82 -29.32 -24.26 34.86
C ASP A 82 -30.50 -24.23 33.90
N THR A 83 -31.71 -24.48 34.40
CA THR A 83 -32.89 -24.56 33.51
C THR A 83 -33.62 -23.23 33.25
N GLU A 84 -33.28 -22.18 34.01
CA GLU A 84 -33.98 -20.89 33.91
C GLU A 84 -33.20 -19.87 33.07
N ASP A 85 -32.05 -19.45 33.58
CA ASP A 85 -31.26 -18.42 32.95
C ASP A 85 -29.83 -18.95 32.80
N PRO A 86 -29.64 -19.93 31.88
CA PRO A 86 -28.37 -20.65 31.69
C PRO A 86 -27.16 -19.79 31.38
N LEU A 87 -26.04 -20.10 32.04
CA LEU A 87 -24.77 -19.42 31.78
C LEU A 87 -24.04 -20.14 30.67
N LEU A 88 -23.62 -19.38 29.66
CA LEU A 88 -22.84 -19.91 28.54
C LEU A 88 -21.56 -19.12 28.45
N VAL A 89 -20.48 -19.76 27.97
CA VAL A 89 -19.18 -19.11 27.90
C VAL A 89 -18.48 -19.33 26.55
N SER A 90 -17.44 -18.53 26.30
CA SER A 90 -16.62 -18.64 25.11
C SER A 90 -15.21 -19.01 25.51
N VAL A 91 -14.62 -19.98 24.80
CA VAL A 91 -13.26 -20.41 25.06
C VAL A 91 -12.38 -19.99 23.90
N ARG A 92 -11.34 -19.21 24.21
CA ARG A 92 -10.45 -18.68 23.19
C ARG A 92 -9.03 -18.89 23.63
N SER A 93 -8.20 -19.34 22.70
CA SER A 93 -6.80 -19.61 22.99
C SER A 93 -5.96 -18.42 22.53
N GLY A 94 -4.90 -18.14 23.29
CA GLY A 94 -4.01 -17.03 22.97
C GLY A 94 -2.63 -17.18 23.58
N ALA A 95 -1.60 -16.96 22.76
CA ALA A 95 -0.21 -17.07 23.20
C ALA A 95 0.32 -15.70 23.58
N ARG A 96 1.58 -15.67 24.04
CA ARG A 96 2.28 -14.40 24.35
C ARG A 96 2.35 -13.47 23.14
N ALA A 97 2.40 -14.07 21.95
CA ALA A 97 2.49 -13.31 20.71
C ALA A 97 1.32 -13.64 19.79
N SER A 98 0.89 -12.63 19.05
CA SER A 98 0.04 -12.83 17.88
C SER A 98 0.97 -13.38 16.81
N MET A 99 0.59 -14.49 16.16
CA MET A 99 1.50 -15.16 15.23
C MET A 99 0.84 -15.89 14.02
N PRO A 100 1.62 -16.08 12.93
CA PRO A 100 1.33 -17.01 11.81
C PRO A 100 1.05 -18.46 12.26
N GLY A 101 -0.06 -19.02 11.80
CA GLY A 101 -0.61 -20.25 12.39
C GLY A 101 -1.53 -19.85 13.54
N MET A 102 -2.85 -20.03 13.33
CA MET A 102 -3.86 -19.35 14.14
C MET A 102 -4.40 -20.16 15.35
N MET A 103 -5.12 -19.44 16.22
CA MET A 103 -5.68 -19.97 17.46
C MET A 103 -7.19 -20.18 17.35
N ASP A 104 -7.76 -20.88 18.33
CA ASP A 104 -9.10 -21.41 18.23
C ASP A 104 -10.11 -20.60 19.03
N THR A 105 -11.37 -20.67 18.59
CA THR A 105 -12.47 -19.96 19.24
C THR A 105 -13.70 -20.86 19.23
N ILE A 106 -14.29 -21.04 20.42
CA ILE A 106 -15.49 -21.86 20.59
C ILE A 106 -16.55 -21.05 21.34
N LEU A 107 -17.73 -20.96 20.74
CA LEU A 107 -18.84 -20.17 21.30
C LEU A 107 -19.94 -21.05 21.89
N ASN A 108 -20.68 -20.48 22.82
CA ASN A 108 -21.87 -21.10 23.37
C ASN A 108 -21.55 -22.34 24.20
N LEU A 109 -20.36 -22.39 24.80
CA LEU A 109 -20.00 -23.53 25.63
C LEU A 109 -20.94 -23.58 26.82
N GLY A 110 -21.51 -24.76 27.07
CA GLY A 110 -22.48 -24.96 28.15
C GLY A 110 -23.85 -25.41 27.72
N LEU A 111 -24.09 -25.42 26.40
CA LEU A 111 -25.37 -25.86 25.87
C LEU A 111 -25.58 -27.36 26.04
N ASN A 112 -26.85 -27.73 26.17
CA ASN A 112 -27.26 -29.12 26.33
C ASN A 112 -28.77 -29.28 26.10
N ASP A 113 -29.29 -30.49 26.36
CA ASP A 113 -30.68 -30.83 26.09
C ASP A 113 -31.71 -30.05 26.90
N VAL A 114 -31.30 -29.52 28.05
CA VAL A 114 -32.18 -28.70 28.91
C VAL A 114 -31.88 -27.19 28.79
N ALA A 115 -30.61 -26.85 28.64
CA ALA A 115 -30.21 -25.44 28.51
C ALA A 115 -30.73 -24.86 27.21
N VAL A 116 -30.78 -25.67 26.16
CA VAL A 116 -31.34 -25.24 24.89
C VAL A 116 -32.79 -24.78 25.02
N GLU A 117 -33.55 -25.39 25.93
CA GLU A 117 -34.95 -25.02 26.12
C GLU A 117 -35.07 -23.70 26.84
N GLY A 118 -34.40 -23.57 27.99
CA GLY A 118 -34.38 -22.32 28.74
C GLY A 118 -33.95 -21.13 27.90
N PHE A 119 -32.99 -21.39 27.01
CA PHE A 119 -32.49 -20.42 26.04
C PHE A 119 -33.57 -19.98 25.03
N ALA A 120 -34.32 -20.94 24.49
CA ALA A 120 -35.43 -20.67 23.55
C ALA A 120 -36.55 -19.89 24.23
N LYS A 121 -36.81 -20.17 25.50
CA LYS A 121 -37.81 -19.46 26.26
C LYS A 121 -37.40 -18.02 26.49
N LYS A 122 -36.16 -17.83 26.96
CA LYS A 122 -35.64 -16.49 27.28
C LYS A 122 -35.58 -15.56 26.06
N THR A 123 -35.10 -16.08 24.93
CA THR A 123 -34.99 -15.28 23.71
C THR A 123 -36.35 -15.11 23.02
N GLY A 124 -37.27 -16.04 23.28
CA GLY A 124 -38.54 -16.08 22.56
C GLY A 124 -38.36 -16.51 21.11
N ASN A 125 -37.25 -17.16 20.81
CA ASN A 125 -36.93 -17.62 19.46
C ASN A 125 -36.34 -19.04 19.48
N PRO A 126 -37.21 -20.05 19.39
CA PRO A 126 -36.74 -21.43 19.41
C PRO A 126 -35.85 -21.76 18.22
N ARG A 127 -36.11 -21.19 17.05
CA ARG A 127 -35.30 -21.47 15.87
C ARG A 127 -33.88 -21.01 16.10
N PHE A 128 -33.73 -19.86 16.72
CA PHE A 128 -32.42 -19.33 17.06
C PHE A 128 -31.68 -20.20 18.10
N ALA A 129 -32.42 -20.82 19.00
CA ALA A 129 -31.87 -21.66 20.07
C ALA A 129 -31.32 -22.98 19.55
N TYR A 130 -32.16 -23.71 18.84
CA TYR A 130 -31.76 -24.98 18.24
C TYR A 130 -30.72 -24.79 17.13
N ASP A 131 -30.71 -23.63 16.50
CA ASP A 131 -29.70 -23.32 15.50
C ASP A 131 -28.33 -23.23 16.13
N SER A 132 -28.24 -22.58 17.29
CA SER A 132 -26.97 -22.47 18.02
C SER A 132 -26.53 -23.82 18.57
N TYR A 133 -27.46 -24.56 19.15
CA TYR A 133 -27.17 -25.89 19.67
C TYR A 133 -26.48 -26.72 18.59
N ARG A 134 -27.17 -26.92 17.47
CA ARG A 134 -26.65 -27.75 16.37
C ARG A 134 -25.28 -27.31 15.85
N ARG A 135 -25.00 -26.01 15.92
CA ARG A 135 -23.69 -25.49 15.56
C ARG A 135 -22.65 -25.87 16.61
N PHE A 136 -22.99 -25.64 17.86
CA PHE A 136 -22.11 -26.00 18.96
C PHE A 136 -21.78 -27.48 18.88
N ILE A 137 -22.81 -28.32 18.74
CA ILE A 137 -22.60 -29.76 18.66
C ILE A 137 -21.54 -30.08 17.59
N GLN A 138 -21.66 -29.45 16.43
CA GLN A 138 -20.73 -29.66 15.34
C GLN A 138 -19.33 -29.19 15.67
N MET A 139 -19.24 -27.92 16.07
CA MET A 139 -17.95 -27.29 16.35
C MET A 139 -17.20 -28.02 17.46
N TYR A 140 -17.93 -28.46 18.48
CA TYR A 140 -17.32 -29.19 19.58
C TYR A 140 -16.78 -30.50 19.07
N SER A 141 -17.60 -31.27 18.37
CA SER A 141 -17.19 -32.57 17.84
C SER A 141 -15.98 -32.45 16.93
N ASP A 142 -15.91 -31.38 16.15
CA ASP A 142 -14.78 -31.16 15.23
C ASP A 142 -13.49 -30.83 15.96
N VAL A 143 -13.57 -29.85 16.87
CA VAL A 143 -12.40 -29.35 17.57
C VAL A 143 -11.96 -30.30 18.68
N VAL A 144 -12.88 -30.60 19.60
CA VAL A 144 -12.55 -31.39 20.78
C VAL A 144 -12.16 -32.81 20.36
N MET A 145 -13.12 -33.56 19.80
CA MET A 145 -12.82 -34.84 19.17
C MET A 145 -12.28 -34.53 17.77
N GLU A 146 -12.38 -35.46 16.82
CA GLU A 146 -11.88 -35.18 15.46
C GLU A 146 -12.83 -35.66 14.37
N VAL A 147 -14.13 -35.54 14.63
CA VAL A 147 -15.15 -35.95 13.66
C VAL A 147 -15.18 -34.93 12.52
N PRO A 148 -14.94 -35.39 11.27
CA PRO A 148 -14.89 -34.43 10.18
C PRO A 148 -16.23 -33.74 9.93
N LYS A 149 -16.16 -32.52 9.39
CA LYS A 149 -17.34 -31.76 9.02
C LYS A 149 -18.25 -32.57 8.11
N SER A 150 -17.63 -33.33 7.20
CA SER A 150 -18.33 -34.19 6.24
C SER A 150 -19.56 -34.89 6.83
N HIS A 151 -19.35 -35.69 7.88
CA HIS A 151 -20.43 -36.42 8.55
C HIS A 151 -21.61 -35.51 8.87
N PHE A 152 -21.31 -34.30 9.31
CA PHE A 152 -22.33 -33.32 9.65
C PHE A 152 -22.90 -32.63 8.41
N GLU A 153 -22.00 -32.25 7.49
CA GLU A 153 -22.39 -31.60 6.22
C GLU A 153 -23.31 -32.48 5.35
N LYS A 154 -23.10 -33.78 5.40
CA LYS A 154 -23.96 -34.71 4.65
C LYS A 154 -25.38 -34.68 5.18
N ILE A 155 -25.52 -34.68 6.50
CA ILE A 155 -26.83 -34.75 7.15
C ILE A 155 -27.62 -33.46 6.93
N ILE A 156 -26.95 -32.30 7.05
CA ILE A 156 -27.57 -31.01 6.76
C ILE A 156 -28.02 -30.97 5.29
N ASP A 157 -27.17 -31.45 4.38
CA ASP A 157 -27.49 -31.53 2.95
C ASP A 157 -28.63 -32.48 2.68
N ALA A 158 -28.71 -33.54 3.47
CA ALA A 158 -29.81 -34.48 3.36
C ALA A 158 -31.12 -33.78 3.70
N MET A 159 -31.24 -33.31 4.94
CA MET A 159 -32.48 -32.69 5.40
C MET A 159 -32.91 -31.51 4.54
N LYS A 160 -31.97 -30.64 4.19
CA LYS A 160 -32.27 -29.49 3.33
C LYS A 160 -32.83 -29.96 1.99
N GLU A 161 -32.10 -30.89 1.37
CA GLU A 161 -32.49 -31.47 0.10
C GLU A 161 -33.82 -32.21 0.24
N GLU A 162 -33.99 -32.95 1.33
CA GLU A 162 -35.23 -33.74 1.58
C GLU A 162 -36.47 -32.84 1.72
N LYS A 163 -36.36 -31.76 2.51
CA LYS A 163 -37.46 -30.80 2.71
C LYS A 163 -37.57 -29.79 1.56
N GLY A 164 -36.77 -29.97 0.51
CA GLY A 164 -36.85 -29.14 -0.68
C GLY A 164 -36.35 -27.73 -0.50
N VAL A 165 -35.74 -27.45 0.65
CA VAL A 165 -35.19 -26.12 0.94
C VAL A 165 -33.84 -25.94 0.24
N HIS A 166 -33.43 -24.68 0.09
CA HIS A 166 -32.26 -24.36 -0.74
C HIS A 166 -31.04 -23.82 0.00
N PHE A 167 -31.19 -23.38 1.24
CA PHE A 167 -30.06 -22.80 1.94
C PHE A 167 -29.92 -23.19 3.40
N ASP A 168 -28.73 -22.88 3.92
CA ASP A 168 -28.33 -23.14 5.32
C ASP A 168 -29.32 -22.53 6.33
N THR A 169 -30.13 -21.57 5.86
CA THR A 169 -31.08 -20.81 6.70
C THR A 169 -32.51 -21.34 6.72
N ASP A 170 -32.98 -21.82 5.57
CA ASP A 170 -34.41 -22.10 5.39
C ASP A 170 -35.00 -23.17 6.32
N LEU A 171 -34.25 -23.56 7.35
CA LEU A 171 -34.71 -24.60 8.27
C LEU A 171 -35.65 -24.02 9.32
N THR A 172 -36.64 -24.82 9.70
CA THR A 172 -37.59 -24.44 10.74
C THR A 172 -37.01 -24.83 12.11
N ALA A 173 -37.50 -24.18 13.16
CA ALA A 173 -37.18 -24.59 14.52
C ALA A 173 -37.32 -26.11 14.69
N ASP A 174 -38.42 -26.68 14.21
CA ASP A 174 -38.69 -28.13 14.32
C ASP A 174 -37.67 -29.00 13.58
N ASP A 175 -37.06 -28.45 12.52
CA ASP A 175 -36.06 -29.16 11.72
C ASP A 175 -34.66 -29.10 12.35
N LEU A 176 -34.38 -28.02 13.07
CA LEU A 176 -33.11 -27.89 13.76
C LEU A 176 -33.06 -28.78 14.99
N LYS A 177 -34.20 -28.91 15.67
CA LYS A 177 -34.35 -29.84 16.78
C LYS A 177 -33.96 -31.23 16.33
N GLU A 178 -34.53 -31.62 15.20
CA GLU A 178 -34.27 -32.89 14.55
C GLU A 178 -32.79 -33.04 14.17
N LEU A 179 -32.26 -32.02 13.51
CA LEU A 179 -30.87 -32.02 13.05
C LEU A 179 -29.87 -32.11 14.22
N ALA A 180 -30.23 -31.51 15.35
CA ALA A 180 -29.40 -31.55 16.56
C ALA A 180 -29.31 -32.95 17.13
N GLU A 181 -30.43 -33.66 17.15
CA GLU A 181 -30.43 -35.06 17.56
C GLU A 181 -29.62 -35.95 16.60
N LYS A 182 -29.73 -35.68 15.29
CA LYS A 182 -28.93 -36.42 14.30
C LYS A 182 -27.46 -36.17 14.54
N PHE A 183 -27.12 -34.91 14.85
CA PHE A 183 -25.75 -34.52 15.14
C PHE A 183 -25.21 -35.22 16.39
N LYS A 184 -26.01 -35.23 17.47
CA LYS A 184 -25.62 -35.93 18.71
C LYS A 184 -25.35 -37.41 18.45
N ALA A 185 -26.18 -38.01 17.61
CA ALA A 185 -26.04 -39.41 17.20
C ALA A 185 -24.69 -39.66 16.52
N VAL A 186 -24.25 -38.71 15.71
CA VAL A 186 -22.95 -38.81 15.05
C VAL A 186 -21.80 -38.85 16.06
N TYR A 187 -21.82 -37.92 17.02
CA TYR A 187 -20.80 -37.91 18.06
C TYR A 187 -20.80 -39.23 18.82
N LYS A 188 -21.97 -39.69 19.24
CA LYS A 188 -22.09 -41.00 19.90
C LYS A 188 -21.60 -42.13 19.01
N GLU A 189 -21.90 -42.03 17.71
CA GLU A 189 -21.48 -43.04 16.73
C GLU A 189 -20.00 -42.89 16.38
N ALA A 190 -19.33 -41.89 16.93
CA ALA A 190 -17.87 -41.80 16.82
C ALA A 190 -17.14 -42.10 18.13
N MET A 191 -17.79 -41.85 19.28
CA MET A 191 -17.14 -41.97 20.59
C MET A 191 -17.48 -43.28 21.33
N ASN A 192 -17.37 -44.39 20.61
CA ASN A 192 -17.67 -45.70 21.16
C ASN A 192 -18.86 -45.67 22.14
N GLY A 193 -19.97 -45.10 21.68
CA GLY A 193 -21.19 -45.07 22.47
C GLY A 193 -21.23 -44.07 23.60
N GLU A 194 -20.25 -43.16 23.68
CA GLU A 194 -20.26 -42.07 24.66
C GLU A 194 -21.19 -40.94 24.19
N GLU A 195 -22.06 -40.46 25.08
CA GLU A 195 -23.02 -39.39 24.75
C GLU A 195 -22.30 -38.05 24.56
N PHE A 196 -22.84 -37.19 23.69
CA PHE A 196 -22.26 -35.85 23.47
C PHE A 196 -21.99 -35.18 24.82
N PRO A 197 -20.80 -34.58 25.01
CA PRO A 197 -20.47 -34.02 26.32
C PRO A 197 -21.62 -33.21 26.90
N GLN A 198 -22.55 -33.92 27.53
CA GLN A 198 -23.75 -33.32 28.10
C GLN A 198 -23.34 -32.49 29.30
N GLU A 199 -22.33 -32.97 30.01
CA GLU A 199 -21.79 -32.30 31.19
C GLU A 199 -21.08 -31.01 30.82
N PRO A 200 -21.54 -29.87 31.37
CA PRO A 200 -20.94 -28.60 31.01
C PRO A 200 -19.45 -28.57 31.33
N LYS A 201 -19.07 -29.26 32.40
CA LYS A 201 -17.70 -29.35 32.85
C LYS A 201 -16.82 -30.21 31.93
N ASP A 202 -17.34 -31.33 31.46
CA ASP A 202 -16.64 -32.15 30.46
C ASP A 202 -16.36 -31.31 29.23
N GLN A 203 -17.32 -30.46 28.86
CA GLN A 203 -17.16 -29.60 27.71
C GLN A 203 -15.99 -28.67 27.92
N LEU A 204 -16.02 -27.96 29.04
CA LEU A 204 -14.98 -27.03 29.40
C LEU A 204 -13.61 -27.70 29.28
N MET A 205 -13.39 -28.73 30.08
CA MET A 205 -12.10 -29.42 30.10
C MET A 205 -11.71 -29.84 28.70
N GLY A 206 -12.60 -30.54 28.01
CA GLY A 206 -12.35 -30.96 26.64
C GLY A 206 -11.74 -29.82 25.85
N ALA A 207 -12.36 -28.65 25.93
CA ALA A 207 -11.88 -27.47 25.22
C ALA A 207 -10.54 -26.99 25.74
N VAL A 208 -10.31 -27.11 27.05
CA VAL A 208 -9.03 -26.74 27.68
C VAL A 208 -7.90 -27.69 27.29
N LYS A 209 -8.22 -28.98 27.26
CA LYS A 209 -7.28 -30.00 26.80
C LYS A 209 -6.88 -29.73 25.36
N ALA A 210 -7.89 -29.63 24.50
CA ALA A 210 -7.70 -29.35 23.07
C ALA A 210 -6.71 -28.21 22.82
N VAL A 211 -6.93 -27.06 23.48
CA VAL A 211 -6.08 -25.86 23.28
C VAL A 211 -4.60 -26.17 23.49
N PHE A 212 -4.30 -26.77 24.64
CA PHE A 212 -2.95 -27.18 24.96
C PHE A 212 -2.45 -28.17 23.92
N ARG A 213 -3.30 -29.15 23.60
CA ARG A 213 -2.99 -30.15 22.59
C ARG A 213 -2.59 -29.55 21.25
N SER A 214 -3.36 -28.57 20.78
CA SER A 214 -3.16 -27.99 19.45
C SER A 214 -1.83 -27.22 19.27
N TRP A 215 -1.17 -26.92 20.39
CA TRP A 215 0.14 -26.27 20.36
C TRP A 215 1.27 -27.18 19.87
N ASP A 216 1.09 -28.50 19.91
CA ASP A 216 2.17 -29.43 19.54
C ASP A 216 2.10 -29.97 18.10
N ASN A 217 1.06 -29.59 17.36
CA ASN A 217 0.89 -30.04 15.97
C ASN A 217 2.09 -29.70 15.07
N PRO A 218 2.14 -30.25 13.84
CA PRO A 218 3.31 -30.13 12.94
C PRO A 218 3.77 -28.70 12.53
N GLU A 219 3.60 -28.33 11.25
CA GLU A 219 4.31 -27.19 10.61
C GLU A 219 4.37 -25.87 11.39
N ALA A 220 3.36 -25.02 11.25
CA ALA A 220 3.37 -23.68 11.83
C ALA A 220 4.09 -23.68 13.20
N ILE A 221 3.66 -24.63 14.03
CA ILE A 221 4.09 -24.77 15.43
C ILE A 221 5.62 -24.90 15.59
N VAL A 222 6.16 -25.94 14.96
CA VAL A 222 7.59 -26.27 15.05
C VAL A 222 8.46 -25.09 14.60
N TYR A 223 8.08 -24.43 13.50
CA TYR A 223 8.80 -23.26 12.99
C TYR A 223 8.86 -22.13 14.02
N ARG A 224 7.72 -21.85 14.63
CA ARG A 224 7.58 -20.74 15.58
C ARG A 224 8.42 -20.95 16.85
N ARG A 225 8.51 -22.20 17.30
CA ARG A 225 9.23 -22.53 18.51
C ARG A 225 10.74 -22.47 18.26
N MET A 226 11.19 -23.16 17.21
CA MET A 226 12.62 -23.28 16.90
C MET A 226 13.28 -21.92 16.65
N ASN A 227 12.73 -21.16 15.70
CA ASN A 227 13.36 -19.93 15.21
C ASN A 227 13.22 -18.77 16.21
N ASP A 228 11.98 -18.34 16.44
CA ASP A 228 11.64 -17.16 17.24
C ASP A 228 12.50 -17.07 18.52
N ILE A 229 12.00 -17.64 19.61
CA ILE A 229 12.69 -17.63 20.90
C ILE A 229 12.28 -18.90 21.68
N PRO A 230 13.26 -19.81 21.92
CA PRO A 230 13.00 -20.98 22.79
C PRO A 230 13.04 -20.64 24.30
N GLY A 231 12.72 -21.63 25.13
CA GLY A 231 12.65 -21.44 26.58
C GLY A 231 11.44 -22.17 27.13
N ASP A 232 10.50 -21.43 27.72
CA ASP A 232 9.18 -22.01 28.11
C ASP A 232 7.99 -21.21 27.57
N TRP A 233 7.75 -21.34 26.27
CA TRP A 233 6.54 -20.79 25.66
C TRP A 233 5.40 -21.79 25.82
N GLY A 234 4.19 -21.29 25.67
CA GLY A 234 2.98 -22.09 25.71
C GLY A 234 1.84 -21.26 25.19
N THR A 235 0.62 -21.64 25.56
CA THR A 235 -0.58 -20.89 25.14
C THR A 235 -1.58 -20.80 26.29
N ALA A 236 -2.20 -19.63 26.43
CA ALA A 236 -3.20 -19.38 27.47
C ALA A 236 -4.60 -19.68 26.95
N VAL A 237 -5.49 -20.02 27.86
CA VAL A 237 -6.88 -20.28 27.54
C VAL A 237 -7.73 -19.23 28.24
N ASN A 238 -8.49 -18.47 27.46
CA ASN A 238 -9.37 -17.42 27.98
C ASN A 238 -10.82 -17.88 27.99
N VAL A 239 -11.46 -17.84 29.16
CA VAL A 239 -12.83 -18.27 29.32
C VAL A 239 -13.68 -17.07 29.73
N GLN A 240 -14.71 -16.76 28.94
CA GLN A 240 -15.46 -15.50 29.07
C GLN A 240 -16.97 -15.69 28.95
N THR A 241 -17.73 -14.96 29.77
CA THR A 241 -19.21 -15.04 29.74
C THR A 241 -19.76 -14.60 28.38
N MET A 242 -20.85 -15.23 27.97
CA MET A 242 -21.53 -14.89 26.70
C MET A 242 -22.58 -13.83 26.95
N VAL A 243 -22.83 -13.02 25.92
CA VAL A 243 -23.82 -11.94 26.00
C VAL A 243 -24.88 -12.13 24.94
N PHE A 244 -25.97 -11.39 25.10
CA PHE A 244 -27.11 -11.45 24.18
C PHE A 244 -27.93 -10.18 24.24
N GLY A 245 -28.37 -9.70 23.08
CA GLY A 245 -29.19 -8.50 22.99
C GLY A 245 -30.55 -8.76 22.37
N ASN A 246 -30.92 -10.04 22.24
CA ASN A 246 -32.22 -10.45 21.68
C ASN A 246 -33.14 -11.12 22.70
N LYS A 247 -32.79 -10.96 23.97
CA LYS A 247 -33.56 -11.50 25.05
C LYS A 247 -34.83 -10.71 25.34
N GLY A 248 -35.00 -9.55 24.71
CA GLY A 248 -36.21 -8.76 24.92
C GLY A 248 -36.14 -7.30 24.53
N GLU A 249 -37.21 -6.58 24.86
CA GLU A 249 -37.36 -5.16 24.54
C GLU A 249 -36.43 -4.23 25.34
N THR A 250 -35.89 -4.75 26.46
CA THR A 250 -34.90 -4.01 27.24
C THR A 250 -33.49 -4.52 26.89
N SER A 251 -33.38 -5.25 25.80
CA SER A 251 -32.11 -5.82 25.39
C SER A 251 -31.80 -5.35 23.96
N GLY A 252 -30.51 -5.20 23.65
CA GLY A 252 -30.10 -4.73 22.34
C GLY A 252 -28.62 -4.95 22.06
N THR A 253 -28.23 -4.58 20.85
CA THR A 253 -26.84 -4.62 20.43
C THR A 253 -26.56 -3.48 19.45
N GLY A 254 -25.31 -3.02 19.44
CA GLY A 254 -24.94 -1.87 18.62
C GLY A 254 -23.47 -1.76 18.29
N VAL A 255 -23.18 -0.83 17.38
CA VAL A 255 -21.85 -0.50 16.92
C VAL A 255 -21.78 1.01 16.81
N ALA A 256 -20.79 1.66 17.42
CA ALA A 256 -20.61 3.11 17.29
C ALA A 256 -19.15 3.53 17.23
N PHE A 257 -18.95 4.74 16.69
CA PHE A 257 -17.63 5.37 16.59
C PHE A 257 -17.57 6.54 17.53
N THR A 258 -16.41 6.84 18.08
CA THR A 258 -16.30 8.03 18.96
C THR A 258 -16.28 9.29 18.11
N ARG A 259 -15.83 9.17 16.88
CA ARG A 259 -15.88 10.30 15.95
C ARG A 259 -16.32 9.83 14.58
N ASN A 260 -16.83 10.75 13.78
CA ASN A 260 -17.37 10.43 12.46
C ASN A 260 -16.25 9.94 11.52
N PRO A 261 -16.34 8.67 11.07
CA PRO A 261 -15.27 8.04 10.28
C PRO A 261 -15.22 8.44 8.82
N ASP A 262 -16.24 9.15 8.36
CA ASP A 262 -16.27 9.60 6.97
C ASP A 262 -15.75 11.04 6.86
N THR A 263 -16.13 11.91 7.81
CA THR A 263 -15.70 13.33 7.82
C THR A 263 -14.70 13.74 8.92
N GLY A 264 -14.69 13.02 10.04
CA GLY A 264 -13.77 13.31 11.16
C GLY A 264 -14.28 14.31 12.20
N GLU A 265 -15.58 14.62 12.16
CA GLU A 265 -16.20 15.54 13.12
C GLU A 265 -16.33 14.85 14.48
N LYS A 266 -15.91 15.52 15.55
CA LYS A 266 -16.00 14.93 16.89
C LYS A 266 -17.45 14.60 17.20
N GLY A 267 -17.69 13.50 17.92
CA GLY A 267 -19.01 13.20 18.45
C GLY A 267 -19.53 11.84 18.04
N ILE A 268 -20.09 11.13 19.02
CA ILE A 268 -20.68 9.81 18.80
C ILE A 268 -21.40 9.65 17.43
N TYR A 269 -21.13 8.51 16.78
CA TYR A 269 -21.69 8.21 15.49
C TYR A 269 -21.89 6.71 15.51
N GLY A 270 -22.98 6.26 14.90
CA GLY A 270 -23.27 4.83 14.84
C GLY A 270 -24.75 4.49 14.82
N ARG A 271 -25.03 3.22 15.07
CA ARG A 271 -26.35 2.65 14.97
C ARG A 271 -26.54 1.59 16.07
N TYR A 272 -27.75 1.07 16.20
CA TYR A 272 -28.07 -0.02 17.13
C TYR A 272 -29.45 -0.59 16.81
N LEU A 273 -29.82 -1.67 17.48
CA LEU A 273 -31.13 -2.28 17.33
C LEU A 273 -31.60 -2.87 18.67
N ILE A 274 -32.92 -2.81 18.92
CA ILE A 274 -33.49 -3.42 20.12
C ILE A 274 -33.81 -4.88 19.83
N ASN A 275 -33.64 -5.75 20.82
CA ASN A 275 -34.01 -7.16 20.69
C ASN A 275 -33.36 -7.72 19.42
N ALA A 276 -32.03 -7.71 19.39
CA ALA A 276 -31.33 -8.25 18.25
C ALA A 276 -29.88 -8.58 18.55
N GLN A 277 -29.28 -9.34 17.65
CA GLN A 277 -27.86 -9.62 17.71
C GLN A 277 -27.18 -8.83 16.61
N GLY A 278 -25.90 -8.55 16.79
CA GLY A 278 -25.10 -7.77 15.84
C GLY A 278 -25.45 -8.02 14.37
N GLU A 279 -25.50 -9.30 14.00
CA GLU A 279 -25.92 -9.73 12.66
C GLU A 279 -27.05 -8.85 12.13
N ASP A 280 -28.13 -8.77 12.90
CA ASP A 280 -29.36 -8.05 12.52
C ASP A 280 -29.12 -6.56 12.20
N VAL A 281 -28.14 -5.96 12.88
CA VAL A 281 -27.72 -4.58 12.61
C VAL A 281 -27.09 -4.48 11.21
N VAL A 282 -26.10 -5.33 10.96
CA VAL A 282 -25.40 -5.37 9.68
C VAL A 282 -26.36 -5.69 8.55
N ALA A 283 -27.40 -6.46 8.87
CA ALA A 283 -28.41 -6.91 7.91
C ALA A 283 -29.36 -5.82 7.40
N GLY A 284 -29.64 -4.83 8.24
CA GLY A 284 -30.50 -3.71 7.86
C GLY A 284 -31.90 -4.07 7.38
N VAL A 285 -32.35 -5.29 7.62
CA VAL A 285 -33.73 -5.72 7.32
C VAL A 285 -34.65 -4.81 8.12
N ARG A 286 -34.41 -4.73 9.42
CA ARG A 286 -34.97 -3.69 10.24
C ARG A 286 -34.08 -2.45 10.14
N THR A 287 -34.66 -1.31 9.81
CA THR A 287 -33.90 -0.03 9.73
C THR A 287 -33.19 0.27 11.06
N PRO A 288 -31.87 0.07 11.10
CA PRO A 288 -31.17 0.41 12.34
C PRO A 288 -31.34 1.88 12.75
N GLN A 289 -31.41 2.09 14.06
CA GLN A 289 -31.74 3.40 14.60
C GLN A 289 -30.44 4.07 14.98
N PRO A 290 -30.28 5.35 14.63
CA PRO A 290 -29.05 6.04 14.98
C PRO A 290 -28.73 5.96 16.47
N ILE A 291 -27.45 5.71 16.76
CA ILE A 291 -26.89 5.65 18.12
C ILE A 291 -27.42 6.71 19.08
N THR A 292 -27.57 7.95 18.61
CA THR A 292 -28.00 9.06 19.47
C THR A 292 -29.44 8.94 19.95
N GLN A 293 -30.24 8.18 19.19
CA GLN A 293 -31.62 7.91 19.59
C GLN A 293 -31.69 6.94 20.79
N LEU A 294 -30.58 6.25 21.10
CA LEU A 294 -30.51 5.38 22.27
C LEU A 294 -30.86 6.09 23.58
N GLU A 295 -30.54 7.38 23.64
CA GLU A 295 -30.85 8.20 24.81
C GLU A 295 -32.36 8.29 25.07
N ASN A 296 -33.13 8.16 24.02
CA ASN A 296 -34.57 8.16 24.14
C ASN A 296 -35.10 6.84 24.72
N ASP A 297 -34.54 5.71 24.28
CA ASP A 297 -35.01 4.38 24.70
C ASP A 297 -34.54 4.05 26.11
N MET A 298 -33.23 4.09 26.32
CA MET A 298 -32.64 3.73 27.60
C MET A 298 -31.58 4.75 28.03
N PRO A 299 -32.00 5.83 28.72
CA PRO A 299 -31.09 6.92 29.09
C PRO A 299 -29.94 6.48 29.99
N ASP A 300 -30.28 5.57 30.91
CA ASP A 300 -29.35 5.08 31.94
C ASP A 300 -28.16 4.42 31.27
N CYS A 301 -28.47 3.52 30.35
CA CYS A 301 -27.45 2.84 29.56
C CYS A 301 -26.74 3.78 28.61
N TYR A 302 -27.49 4.67 27.99
CA TYR A 302 -26.90 5.68 27.11
C TYR A 302 -25.81 6.38 27.88
N LYS A 303 -26.18 6.95 29.02
CA LYS A 303 -25.24 7.69 29.87
C LYS A 303 -23.96 6.89 30.13
N GLN A 304 -24.13 5.69 30.69
CA GLN A 304 -23.01 4.83 31.00
C GLN A 304 -22.20 4.66 29.72
N PHE A 305 -22.88 4.26 28.64
CA PHE A 305 -22.23 4.10 27.33
C PHE A 305 -21.34 5.28 27.00
N MET A 306 -21.91 6.47 27.07
CA MET A 306 -21.21 7.71 26.71
C MET A 306 -19.93 7.92 27.49
N ASP A 307 -20.01 7.73 28.80
CA ASP A 307 -18.85 7.90 29.65
C ASP A 307 -17.70 7.00 29.27
N LEU A 308 -17.99 5.70 29.21
CA LEU A 308 -16.98 4.67 28.97
C LEU A 308 -16.34 4.85 27.59
N ALA A 309 -17.13 5.33 26.64
CA ALA A 309 -16.66 5.63 25.29
C ALA A 309 -15.58 6.67 25.38
N MET A 310 -15.85 7.72 26.14
CA MET A 310 -14.90 8.81 26.28
C MET A 310 -13.69 8.34 27.04
N LYS A 311 -13.90 7.44 28.00
CA LYS A 311 -12.81 6.86 28.75
C LYS A 311 -11.90 6.01 27.85
N LEU A 312 -12.51 5.23 26.96
CA LEU A 312 -11.78 4.43 25.98
C LEU A 312 -10.94 5.33 25.08
N GLU A 313 -11.61 6.30 24.44
CA GLU A 313 -10.95 7.23 23.55
C GLU A 313 -9.72 7.85 24.22
N LYS A 314 -9.90 8.30 25.46
CA LYS A 314 -8.82 8.90 26.23
C LYS A 314 -7.69 7.92 26.53
N HIS A 315 -8.04 6.70 26.93
CA HIS A 315 -7.01 5.69 27.21
C HIS A 315 -6.19 5.32 25.99
N PHE A 316 -6.88 4.93 24.92
CA PHE A 316 -6.23 4.55 23.66
C PHE A 316 -5.74 5.74 22.87
N ARG A 317 -6.23 6.93 23.23
CA ARG A 317 -5.77 8.19 22.67
C ARG A 317 -6.00 8.27 21.18
N ASP A 318 -7.19 7.86 20.72
CA ASP A 318 -7.52 7.88 19.29
C ASP A 318 -8.92 7.34 19.00
N MET A 319 -9.57 7.88 17.98
CA MET A 319 -10.93 7.48 17.60
C MET A 319 -11.17 5.97 17.69
N GLN A 320 -12.09 5.56 18.56
CA GLN A 320 -12.41 4.15 18.78
C GLN A 320 -13.67 3.70 18.07
N ASP A 321 -13.61 2.47 17.54
CA ASP A 321 -14.76 1.82 16.92
C ASP A 321 -15.23 0.75 17.91
N MET A 322 -16.44 0.88 18.44
CA MET A 322 -16.83 -0.01 19.53
C MET A 322 -18.06 -0.80 19.21
N GLU A 323 -18.10 -2.06 19.68
CA GLU A 323 -19.28 -2.91 19.60
C GLU A 323 -19.83 -3.07 21.02
N PHE A 324 -21.15 -2.95 21.17
CA PHE A 324 -21.78 -3.09 22.48
C PHE A 324 -23.11 -3.84 22.44
N THR A 325 -23.45 -4.39 23.60
CA THR A 325 -24.62 -5.20 23.73
C THR A 325 -25.25 -4.92 25.08
N ILE A 326 -26.56 -4.78 25.06
CA ILE A 326 -27.28 -4.47 26.27
C ILE A 326 -28.10 -5.70 26.55
N GLU A 327 -27.90 -6.31 27.71
CA GLU A 327 -28.65 -7.51 28.08
C GLU A 327 -29.57 -7.25 29.27
N GLU A 328 -30.87 -7.13 29.01
CA GLU A 328 -31.88 -6.87 30.04
C GLU A 328 -31.51 -5.68 30.94
N GLY A 329 -31.15 -4.56 30.29
CA GLY A 329 -30.79 -3.31 30.98
C GLY A 329 -29.36 -3.27 31.54
N LYS A 330 -28.55 -4.24 31.17
CA LYS A 330 -27.16 -4.29 31.62
C LYS A 330 -26.23 -4.16 30.43
N LEU A 331 -25.47 -3.06 30.42
CA LEU A 331 -24.57 -2.72 29.32
C LEU A 331 -23.25 -3.51 29.36
N TYR A 332 -22.90 -4.12 28.22
CA TYR A 332 -21.61 -4.80 28.02
C TYR A 332 -20.87 -4.28 26.76
N PHE A 333 -19.54 -4.32 26.80
CA PHE A 333 -18.69 -3.91 25.67
C PHE A 333 -17.85 -5.06 25.12
N LEU A 334 -18.15 -5.45 23.88
CA LEU A 334 -17.57 -6.64 23.29
C LEU A 334 -16.23 -6.38 22.65
N GLN A 335 -16.08 -5.20 22.06
CA GLN A 335 -14.88 -4.93 21.28
C GLN A 335 -14.62 -3.44 21.02
N THR A 336 -13.33 -3.12 20.95
CA THR A 336 -12.85 -1.77 20.73
C THR A 336 -11.50 -1.80 20.03
N ARG A 337 -11.33 -0.87 19.10
CA ARG A 337 -10.18 -0.83 18.19
C ARG A 337 -10.18 0.54 17.56
N ASN A 338 -9.02 0.96 17.09
CA ASN A 338 -8.89 2.26 16.46
C ASN A 338 -9.70 2.25 15.16
N GLY A 339 -10.78 3.02 15.11
CA GLY A 339 -11.71 2.91 13.97
C GLY A 339 -11.04 3.23 12.65
N LYS A 340 -11.68 2.82 11.56
CA LYS A 340 -11.12 3.06 10.21
C LYS A 340 -11.59 4.41 9.66
N ARG A 341 -10.85 4.96 8.71
CA ARG A 341 -11.16 6.29 8.15
C ARG A 341 -10.48 6.52 6.81
N THR A 342 -10.57 7.74 6.31
CA THR A 342 -9.93 8.11 5.05
C THR A 342 -8.79 9.13 5.23
N ALA A 343 -8.05 9.39 4.16
CA ALA A 343 -6.89 10.29 4.21
C ALA A 343 -7.30 11.66 4.72
N PRO A 344 -8.35 12.23 4.12
CA PRO A 344 -8.78 13.54 4.58
C PRO A 344 -9.18 13.50 6.03
N ALA A 345 -9.82 12.38 6.42
CA ALA A 345 -10.26 12.15 7.79
C ALA A 345 -9.06 11.94 8.75
N ALA A 346 -8.11 11.13 8.32
CA ALA A 346 -6.91 10.93 9.12
C ALA A 346 -6.30 12.28 9.51
N LEU A 347 -6.06 13.15 8.53
CA LEU A 347 -5.46 14.44 8.83
C LEU A 347 -6.33 15.17 9.82
N GLN A 348 -7.60 15.36 9.47
CA GLN A 348 -8.53 16.15 10.29
C GLN A 348 -8.55 15.69 11.74
N ILE A 349 -8.59 14.39 11.94
CA ILE A 349 -8.66 13.85 13.30
C ILE A 349 -7.34 14.07 14.02
N ALA A 350 -6.23 13.75 13.36
CA ALA A 350 -4.93 13.99 13.94
C ALA A 350 -4.83 15.42 14.45
N CYS A 351 -5.05 16.39 13.56
CA CYS A 351 -5.06 17.81 13.93
C CYS A 351 -5.94 18.06 15.17
N ASP A 352 -7.20 17.68 15.09
CA ASP A 352 -8.08 17.81 16.23
C ASP A 352 -7.39 17.24 17.46
N LEU A 353 -6.97 15.99 17.37
CA LEU A 353 -6.34 15.32 18.50
C LEU A 353 -5.18 16.10 19.07
N VAL A 354 -4.46 16.83 18.23
CA VAL A 354 -3.36 17.61 18.75
C VAL A 354 -3.92 18.82 19.46
N ASP A 355 -4.91 19.47 18.89
CA ASP A 355 -5.46 20.69 19.49
C ASP A 355 -6.20 20.42 20.81
N GLU A 356 -6.80 19.24 20.93
CA GLU A 356 -7.50 18.87 22.13
C GLU A 356 -6.51 18.47 23.22
N GLY A 357 -5.23 18.42 22.84
CA GLY A 357 -4.15 18.13 23.78
C GLY A 357 -3.99 16.65 24.08
N MET A 358 -4.69 15.81 23.32
CA MET A 358 -4.72 14.37 23.57
C MET A 358 -3.51 13.65 23.00
N ILE A 359 -2.92 14.19 21.94
CA ILE A 359 -1.66 13.66 21.39
C ILE A 359 -0.64 14.75 21.05
N THR A 360 0.62 14.34 20.92
CA THR A 360 1.68 15.28 20.59
C THR A 360 1.72 15.43 19.10
N GLU A 361 2.44 16.42 18.61
CA GLU A 361 2.56 16.59 17.17
C GLU A 361 3.32 15.40 16.56
N GLU A 362 4.47 15.06 17.14
CA GLU A 362 5.21 13.89 16.69
C GLU A 362 4.26 12.72 16.41
N GLU A 363 3.44 12.38 17.40
CA GLU A 363 2.52 11.27 17.30
C GLU A 363 1.54 11.42 16.18
N ALA A 364 1.06 12.63 15.93
CA ALA A 364 0.12 12.84 14.83
C ALA A 364 0.78 12.40 13.55
N VAL A 365 1.97 12.90 13.32
CA VAL A 365 2.70 12.62 12.09
C VAL A 365 2.87 11.14 11.83
N VAL A 366 3.32 10.43 12.85
CA VAL A 366 3.74 9.06 12.70
C VAL A 366 2.56 8.19 12.40
N ARG A 367 1.36 8.58 12.84
CA ARG A 367 0.21 7.66 12.76
C ARG A 367 -0.53 7.70 11.43
N ILE A 368 -0.33 8.75 10.64
CA ILE A 368 -0.93 8.85 9.32
C ILE A 368 -0.25 7.96 8.28
N GLU A 369 -1.06 7.15 7.61
CA GLU A 369 -0.59 6.23 6.56
C GLU A 369 -0.16 7.00 5.32
N ALA A 370 1.13 7.09 5.10
CA ALA A 370 1.70 7.96 4.07
C ALA A 370 1.23 7.70 2.64
N LYS A 371 1.13 6.42 2.28
CA LYS A 371 0.62 5.98 0.96
C LYS A 371 -0.80 6.45 0.65
N SER A 372 -1.55 6.80 1.69
CA SER A 372 -2.94 7.26 1.57
C SER A 372 -3.00 8.62 0.92
N LEU A 373 -2.05 9.48 1.29
CA LEU A 373 -1.98 10.88 0.80
C LEU A 373 -2.27 11.08 -0.71
N ASP A 374 -1.95 10.06 -1.50
CA ASP A 374 -2.26 10.03 -2.94
C ASP A 374 -3.74 10.28 -3.25
N GLN A 375 -4.60 9.97 -2.27
CA GLN A 375 -6.04 10.21 -2.37
C GLN A 375 -6.41 11.68 -2.46
N LEU A 376 -5.64 12.52 -1.76
CA LEU A 376 -5.91 13.95 -1.76
C LEU A 376 -5.60 14.62 -3.11
N LEU A 377 -4.74 14.01 -3.91
CA LEU A 377 -4.24 14.65 -5.12
C LEU A 377 -5.00 14.32 -6.39
N HIS A 378 -5.68 13.18 -6.42
CA HIS A 378 -6.42 12.79 -7.61
C HIS A 378 -7.89 12.49 -7.32
N PRO A 379 -8.81 13.13 -8.08
CA PRO A 379 -10.25 13.01 -7.90
C PRO A 379 -10.78 11.58 -7.79
N THR A 380 -11.93 11.42 -7.15
CA THR A 380 -12.60 10.10 -7.04
C THR A 380 -14.15 10.23 -7.07
N PHE A 381 -14.79 9.40 -7.91
CA PHE A 381 -16.25 9.40 -8.03
C PHE A 381 -16.83 8.39 -7.05
N ASN A 382 -18.10 8.57 -6.70
CA ASN A 382 -18.79 7.70 -5.73
C ASN A 382 -18.29 6.25 -5.76
N PRO A 383 -17.68 5.75 -4.64
CA PRO A 383 -17.17 4.36 -4.59
C PRO A 383 -18.22 3.29 -4.89
N ALA A 384 -19.50 3.66 -4.74
CA ALA A 384 -20.61 2.84 -5.19
C ALA A 384 -20.69 2.80 -6.71
N ALA A 385 -20.56 3.97 -7.35
CA ALA A 385 -20.57 4.07 -8.82
C ALA A 385 -19.41 3.30 -9.48
N LEU A 386 -18.28 3.20 -8.77
CA LEU A 386 -17.09 2.46 -9.24
C LEU A 386 -17.30 0.96 -9.21
N LYS A 387 -17.94 0.49 -8.14
CA LYS A 387 -18.31 -0.91 -8.02
C LYS A 387 -19.50 -1.23 -8.93
N ALA A 388 -20.38 -0.25 -9.08
CA ALA A 388 -21.49 -0.31 -10.03
C ALA A 388 -21.00 -0.20 -11.47
N GLY A 389 -19.72 0.10 -11.66
CA GLY A 389 -19.13 0.29 -12.98
C GLY A 389 -18.70 -1.02 -13.66
N GLU A 390 -18.86 -1.03 -14.99
CA GLU A 390 -18.59 -2.21 -15.82
C GLU A 390 -17.12 -2.30 -16.24
N VAL A 391 -16.39 -3.26 -15.67
CA VAL A 391 -14.97 -3.47 -15.98
C VAL A 391 -14.82 -4.17 -17.34
N ILE A 392 -14.21 -3.50 -18.31
CA ILE A 392 -13.99 -4.07 -19.66
C ILE A 392 -12.56 -4.56 -19.88
N GLY A 393 -11.69 -4.33 -18.90
CA GLY A 393 -10.29 -4.76 -18.96
C GLY A 393 -9.47 -4.27 -17.78
N SER A 394 -8.17 -4.50 -17.84
CA SER A 394 -7.22 -3.92 -16.87
C SER A 394 -5.80 -3.97 -17.41
N ALA A 395 -4.93 -3.16 -16.81
CA ALA A 395 -3.53 -3.06 -17.22
C ALA A 395 -2.65 -2.57 -16.05
N LEU A 396 -1.54 -1.89 -16.37
CA LEU A 396 -0.64 -1.33 -15.35
C LEU A 396 -1.12 0.08 -14.91
N PRO A 397 -1.15 0.35 -13.58
CA PRO A 397 -1.45 1.69 -13.06
C PRO A 397 -0.25 2.65 -13.18
N ALA A 398 -0.05 3.19 -14.38
CA ALA A 398 1.10 4.06 -14.66
C ALA A 398 1.06 5.33 -13.84
N SER A 399 -0.01 6.12 -14.00
CA SER A 399 -0.17 7.35 -13.24
C SER A 399 -1.56 7.38 -12.61
N PRO A 400 -1.64 7.53 -11.28
CA PRO A 400 -2.92 7.47 -10.55
C PRO A 400 -3.89 8.58 -10.90
N GLY A 401 -5.15 8.33 -10.59
CA GLY A 401 -6.23 9.28 -10.86
C GLY A 401 -7.50 8.61 -11.36
N ALA A 402 -8.60 9.35 -11.26
CA ALA A 402 -9.85 8.96 -11.89
C ALA A 402 -10.00 9.83 -13.14
N ALA A 403 -10.03 9.18 -14.30
CA ALA A 403 -10.23 9.86 -15.58
C ALA A 403 -11.51 9.34 -16.22
N ALA A 404 -12.27 10.23 -16.84
CA ALA A 404 -13.49 9.88 -17.54
C ALA A 404 -13.73 10.88 -18.65
N GLY A 405 -13.92 10.39 -19.87
CA GLY A 405 -14.13 11.29 -21.00
C GLY A 405 -14.28 10.58 -22.34
N LYS A 406 -14.56 11.38 -23.37
CA LYS A 406 -14.78 10.88 -24.72
C LYS A 406 -13.46 10.45 -25.35
N VAL A 407 -13.43 9.28 -25.98
CA VAL A 407 -12.19 8.74 -26.52
C VAL A 407 -11.82 9.34 -27.87
N TYR A 408 -10.53 9.58 -28.06
CA TYR A 408 -9.99 10.08 -29.32
C TYR A 408 -8.64 9.40 -29.55
N PHE A 409 -8.24 9.27 -30.81
CA PHE A 409 -7.11 8.41 -31.17
C PHE A 409 -5.90 9.17 -31.69
N THR A 410 -5.93 10.49 -31.65
CA THR A 410 -4.81 11.31 -32.12
C THR A 410 -4.65 12.53 -31.21
N ALA A 411 -3.41 12.94 -30.95
CA ALA A 411 -3.13 14.05 -30.04
C ALA A 411 -3.87 15.33 -30.42
N ASP A 412 -3.96 15.58 -31.72
CA ASP A 412 -4.64 16.77 -32.23
C ASP A 412 -6.16 16.73 -32.05
N GLU A 413 -6.80 15.59 -32.34
CA GLU A 413 -8.27 15.45 -32.20
C GLU A 413 -8.72 15.54 -30.73
N ALA A 414 -7.92 14.97 -29.84
CA ALA A 414 -8.17 15.06 -28.38
C ALA A 414 -8.10 16.52 -27.89
N LYS A 415 -7.07 17.24 -28.34
CA LYS A 415 -6.88 18.65 -28.02
C LYS A 415 -8.04 19.50 -28.55
N ALA A 416 -8.33 19.32 -29.84
CA ALA A 416 -9.42 20.03 -30.50
C ALA A 416 -10.75 19.76 -29.81
N ALA A 417 -10.98 18.51 -29.44
CA ALA A 417 -12.19 18.13 -28.71
C ALA A 417 -12.23 18.75 -27.32
N HIS A 418 -11.10 18.72 -26.60
CA HIS A 418 -11.03 19.33 -25.27
C HIS A 418 -11.27 20.84 -25.35
N GLU A 419 -10.77 21.46 -26.41
CA GLU A 419 -10.92 22.90 -26.62
C GLU A 419 -12.38 23.32 -26.81
N LYS A 420 -13.18 22.40 -27.36
CA LYS A 420 -14.62 22.64 -27.52
C LYS A 420 -15.37 22.46 -26.18
N GLY A 421 -14.67 21.99 -25.15
CA GLY A 421 -15.23 21.85 -23.79
C GLY A 421 -15.51 20.44 -23.31
N GLU A 422 -14.97 19.44 -24.02
CA GLU A 422 -15.24 18.03 -23.72
C GLU A 422 -14.17 17.43 -22.82
N ARG A 423 -14.58 16.44 -22.03
CA ARG A 423 -13.62 15.65 -21.24
C ARG A 423 -13.03 14.63 -22.18
N VAL A 424 -11.71 14.60 -22.34
CA VAL A 424 -11.09 13.77 -23.36
C VAL A 424 -10.27 12.63 -22.76
N ILE A 425 -10.31 11.48 -23.44
CA ILE A 425 -9.49 10.32 -23.08
C ILE A 425 -8.69 9.88 -24.32
N LEU A 426 -7.38 10.02 -24.24
CA LEU A 426 -6.50 9.70 -25.36
C LEU A 426 -6.09 8.23 -25.36
N VAL A 427 -6.52 7.49 -26.39
CA VAL A 427 -6.17 6.08 -26.52
C VAL A 427 -5.26 5.88 -27.73
N ARG A 428 -4.05 5.40 -27.49
CA ARG A 428 -3.07 5.17 -28.55
C ARG A 428 -2.42 3.81 -28.38
N LEU A 429 -1.57 3.42 -29.32
CA LEU A 429 -0.71 2.25 -29.18
C LEU A 429 0.36 2.57 -28.14
N GLU A 430 0.95 3.75 -28.32
CA GLU A 430 1.90 4.34 -27.38
C GLU A 430 1.94 5.83 -27.69
N THR A 431 2.54 6.62 -26.81
CA THR A 431 2.70 8.05 -27.06
C THR A 431 4.11 8.37 -27.49
N SER A 432 4.27 9.61 -27.93
CA SER A 432 5.55 10.15 -28.30
C SER A 432 5.55 11.64 -27.88
N PRO A 433 6.72 12.29 -27.89
CA PRO A 433 6.77 13.73 -27.60
C PRO A 433 5.89 14.62 -28.52
N GLU A 434 5.57 14.12 -29.71
CA GLU A 434 4.73 14.84 -30.68
C GLU A 434 3.26 14.97 -30.26
N ASP A 435 2.86 14.08 -29.35
CA ASP A 435 1.48 14.02 -28.88
C ASP A 435 1.29 14.73 -27.52
N ILE A 436 2.37 15.35 -27.01
CA ILE A 436 2.37 16.08 -25.74
C ILE A 436 1.21 17.08 -25.56
N GLU A 437 0.86 17.81 -26.61
CA GLU A 437 -0.21 18.82 -26.54
C GLU A 437 -1.57 18.19 -26.25
N GLY A 438 -1.83 17.05 -26.90
CA GLY A 438 -3.04 16.28 -26.65
C GLY A 438 -3.07 15.68 -25.25
N MET A 439 -1.94 15.14 -24.82
CA MET A 439 -1.80 14.50 -23.51
C MET A 439 -2.21 15.46 -22.40
N HIS A 440 -1.66 16.67 -22.45
CA HIS A 440 -1.99 17.74 -21.50
C HIS A 440 -3.48 18.03 -21.44
N ALA A 441 -4.14 18.00 -22.60
CA ALA A 441 -5.57 18.32 -22.71
C ALA A 441 -6.49 17.16 -22.31
N ALA A 442 -5.91 15.97 -22.12
CA ALA A 442 -6.70 14.79 -21.76
C ALA A 442 -6.91 14.69 -20.25
N GLU A 443 -8.05 14.13 -19.87
CA GLU A 443 -8.33 13.81 -18.48
C GLU A 443 -7.57 12.55 -18.09
N GLY A 444 -7.25 11.71 -19.07
CA GLY A 444 -6.45 10.50 -18.84
C GLY A 444 -5.75 10.03 -20.10
N ILE A 445 -4.99 8.92 -19.99
CA ILE A 445 -4.32 8.32 -21.15
C ILE A 445 -4.25 6.78 -21.05
N LEU A 446 -4.73 6.12 -22.10
CA LEU A 446 -4.75 4.66 -22.16
C LEU A 446 -3.93 4.16 -23.35
N THR A 447 -2.97 3.28 -23.08
CA THR A 447 -2.08 2.76 -24.12
C THR A 447 -2.14 1.24 -24.24
N VAL A 448 -1.81 0.75 -25.44
CA VAL A 448 -1.82 -0.68 -25.75
C VAL A 448 -0.51 -1.31 -25.30
N ARG A 449 0.62 -0.63 -25.57
CA ARG A 449 1.95 -1.12 -25.17
C ARG A 449 2.76 -0.07 -24.40
N GLY A 450 3.60 -0.58 -23.49
CA GLY A 450 4.40 0.27 -22.62
C GLY A 450 4.11 0.00 -21.16
N GLY A 451 5.18 -0.05 -20.35
CA GLY A 451 5.06 -0.31 -18.94
C GLY A 451 5.03 0.98 -18.13
N MET A 452 5.53 0.87 -16.92
CA MET A 452 5.60 1.99 -15.98
C MET A 452 6.58 3.06 -16.47
N THR A 453 7.63 2.62 -17.17
CA THR A 453 8.65 3.52 -17.68
C THR A 453 8.35 4.03 -19.09
N SER A 454 7.27 3.54 -19.70
CA SER A 454 6.86 3.93 -21.07
C SER A 454 6.63 5.44 -21.20
N HIS A 455 6.66 5.95 -22.44
CA HIS A 455 6.51 7.39 -22.69
C HIS A 455 5.22 7.98 -22.11
N ALA A 456 4.16 7.19 -22.11
CA ALA A 456 2.87 7.61 -21.57
C ALA A 456 2.87 7.63 -20.04
N ALA A 457 3.48 6.63 -19.43
CA ALA A 457 3.52 6.54 -17.98
C ALA A 457 4.32 7.68 -17.32
N VAL A 458 5.47 7.99 -17.90
CA VAL A 458 6.36 9.01 -17.36
C VAL A 458 5.82 10.44 -17.54
N VAL A 459 5.39 10.79 -18.75
CA VAL A 459 4.87 12.12 -19.04
C VAL A 459 3.60 12.39 -18.21
N ALA A 460 2.80 11.34 -18.00
CA ALA A 460 1.54 11.44 -17.24
C ALA A 460 1.75 11.63 -15.73
N ARG A 461 2.84 11.06 -15.19
CA ARG A 461 3.22 11.31 -13.80
C ARG A 461 3.71 12.74 -13.60
N GLY A 462 4.47 13.25 -14.56
CA GLY A 462 4.93 14.64 -14.55
C GLY A 462 3.77 15.63 -14.57
N MET A 463 2.79 15.38 -15.44
CA MET A 463 1.61 16.25 -15.62
C MET A 463 0.53 16.01 -14.56
N GLY A 464 0.72 15.01 -13.71
CA GLY A 464 -0.27 14.62 -12.72
C GLY A 464 -1.57 14.19 -13.37
N THR A 465 -1.44 13.45 -14.47
CA THR A 465 -2.57 13.01 -15.27
C THR A 465 -2.70 11.48 -15.20
N CYS A 466 -3.94 10.99 -15.11
CA CYS A 466 -4.19 9.56 -15.05
C CYS A 466 -3.57 8.85 -16.24
N CYS A 467 -3.18 7.59 -16.04
CA CYS A 467 -2.57 6.81 -17.13
C CYS A 467 -2.63 5.31 -16.83
N VAL A 468 -3.33 4.56 -17.69
CA VAL A 468 -3.37 3.11 -17.61
C VAL A 468 -2.66 2.61 -18.85
N SER A 469 -1.52 1.94 -18.68
CA SER A 469 -0.70 1.55 -19.85
C SER A 469 -0.51 0.04 -20.00
N GLY A 470 -0.13 -0.36 -21.21
CA GLY A 470 0.16 -1.76 -21.51
C GLY A 470 -1.05 -2.67 -21.55
N CYS A 471 -2.19 -2.13 -21.99
CA CYS A 471 -3.42 -2.93 -22.11
C CYS A 471 -3.47 -3.65 -23.46
N GLY A 472 -2.84 -4.82 -23.51
CA GLY A 472 -2.73 -5.61 -24.75
C GLY A 472 -4.05 -6.11 -25.33
N GLU A 473 -5.07 -6.24 -24.48
CA GLU A 473 -6.39 -6.73 -24.91
C GLU A 473 -7.05 -5.81 -25.95
N ILE A 474 -6.63 -4.55 -25.98
CA ILE A 474 -7.22 -3.54 -26.86
C ILE A 474 -6.80 -3.76 -28.32
N LYS A 475 -7.66 -3.40 -29.27
CA LYS A 475 -7.37 -3.53 -30.70
C LYS A 475 -7.77 -2.29 -31.50
N ILE A 476 -6.88 -1.30 -31.54
CA ILE A 476 -7.16 0.00 -32.15
C ILE A 476 -7.29 -0.11 -33.68
N ASN A 477 -8.30 0.56 -34.22
CA ASN A 477 -8.49 0.72 -35.67
C ASN A 477 -8.34 2.20 -36.05
N GLU A 478 -7.09 2.62 -36.30
CA GLU A 478 -6.71 4.02 -36.51
C GLU A 478 -7.53 4.74 -37.57
N GLU A 479 -7.64 4.10 -38.73
CA GLU A 479 -8.36 4.66 -39.88
C GLU A 479 -9.84 4.88 -39.54
N ALA A 480 -10.48 3.85 -38.96
CA ALA A 480 -11.89 3.94 -38.56
C ALA A 480 -12.11 4.77 -37.29
N LYS A 481 -11.04 4.94 -36.50
CA LYS A 481 -11.09 5.63 -35.21
C LYS A 481 -11.99 4.86 -34.25
N THR A 482 -11.70 3.57 -34.13
CA THR A 482 -12.46 2.65 -33.27
C THR A 482 -11.55 1.57 -32.71
N PHE A 483 -11.93 1.05 -31.54
CA PHE A 483 -11.12 0.05 -30.85
C PHE A 483 -11.96 -0.97 -30.07
N GLU A 484 -11.55 -2.24 -30.16
CA GLU A 484 -12.21 -3.33 -29.46
C GLU A 484 -11.55 -3.60 -28.12
N LEU A 485 -12.38 -3.82 -27.10
CA LEU A 485 -11.90 -4.28 -25.82
C LEU A 485 -13.06 -4.96 -25.11
N GLY A 486 -12.79 -6.16 -24.58
CA GLY A 486 -13.78 -6.93 -23.82
C GLY A 486 -15.06 -7.19 -24.58
N GLY A 487 -16.16 -6.62 -24.10
CA GLY A 487 -17.48 -6.90 -24.64
C GLY A 487 -17.85 -6.22 -25.96
N HIS A 488 -17.17 -5.13 -26.32
CA HIS A 488 -17.54 -4.40 -27.53
C HIS A 488 -16.48 -3.43 -28.06
N THR A 489 -16.71 -2.99 -29.30
CA THR A 489 -15.96 -1.93 -29.97
C THR A 489 -16.49 -0.55 -29.59
N PHE A 490 -15.58 0.42 -29.50
CA PHE A 490 -15.91 1.78 -29.09
C PHE A 490 -15.45 2.77 -30.14
N ALA A 491 -16.28 3.77 -30.40
CA ALA A 491 -15.98 4.76 -31.43
C ALA A 491 -15.53 6.07 -30.81
N GLU A 492 -14.91 6.91 -31.62
CA GLU A 492 -14.52 8.24 -31.19
C GLU A 492 -15.70 8.98 -30.57
N GLY A 493 -15.50 9.50 -29.36
CA GLY A 493 -16.57 10.21 -28.67
C GLY A 493 -17.22 9.37 -27.58
N ASP A 494 -17.21 8.05 -27.75
CA ASP A 494 -17.75 7.15 -26.72
C ASP A 494 -16.96 7.33 -25.43
N TYR A 495 -17.68 7.54 -24.32
CA TYR A 495 -17.04 7.78 -23.04
C TYR A 495 -16.55 6.49 -22.40
N ILE A 496 -15.46 6.61 -21.66
CA ILE A 496 -14.90 5.53 -20.86
C ILE A 496 -14.40 6.10 -19.55
N SER A 497 -14.01 5.23 -18.62
CA SER A 497 -13.46 5.66 -17.34
C SER A 497 -12.19 4.88 -17.05
N LEU A 498 -11.18 5.56 -16.49
CA LEU A 498 -9.92 4.93 -16.10
C LEU A 498 -9.70 5.10 -14.60
N ASP A 499 -9.03 4.12 -14.01
CA ASP A 499 -8.61 4.19 -12.63
C ASP A 499 -7.10 4.05 -12.67
N GLY A 500 -6.39 5.17 -12.55
CA GLY A 500 -4.93 5.17 -12.60
C GLY A 500 -4.25 4.53 -11.40
N SER A 501 -5.03 4.24 -10.35
CA SER A 501 -4.52 3.64 -9.10
C SER A 501 -4.59 2.12 -9.06
N THR A 502 -5.58 1.55 -9.75
CA THR A 502 -5.75 0.09 -9.86
C THR A 502 -5.48 -0.47 -11.27
N GLY A 503 -5.56 0.40 -12.29
CA GLY A 503 -5.37 -0.01 -13.68
C GLY A 503 -6.66 -0.41 -14.38
N LYS A 504 -7.79 -0.23 -13.69
CA LYS A 504 -9.10 -0.65 -14.19
C LYS A 504 -9.63 0.31 -15.25
N ILE A 505 -10.31 -0.26 -16.25
CA ILE A 505 -10.90 0.51 -17.33
C ILE A 505 -12.40 0.25 -17.38
N TYR A 506 -13.20 1.31 -17.37
CA TYR A 506 -14.66 1.20 -17.25
C TYR A 506 -15.44 1.81 -18.43
N LYS A 507 -16.44 1.06 -18.92
CA LYS A 507 -17.35 1.53 -19.96
C LYS A 507 -18.35 2.51 -19.35
N GLY A 508 -18.31 3.77 -19.82
CA GLY A 508 -19.32 4.77 -19.43
C GLY A 508 -18.89 6.22 -19.30
N ASP A 509 -19.87 7.05 -18.95
CA ASP A 509 -19.73 8.51 -18.90
C ASP A 509 -20.33 9.11 -17.61
N ILE A 510 -19.50 9.27 -16.59
CA ILE A 510 -19.89 9.95 -15.34
C ILE A 510 -18.59 10.44 -14.74
N GLU A 511 -18.33 11.75 -14.79
CA GLU A 511 -17.04 12.24 -14.32
C GLU A 511 -16.93 12.22 -12.80
N THR A 512 -15.71 12.00 -12.34
CA THR A 512 -15.35 12.16 -10.94
C THR A 512 -15.46 13.61 -10.49
N GLN A 513 -14.84 13.90 -9.37
CA GLN A 513 -14.84 15.25 -8.80
C GLN A 513 -13.50 15.95 -9.07
N GLU A 514 -13.07 16.82 -8.16
CA GLU A 514 -11.81 17.56 -8.31
C GLU A 514 -10.86 17.18 -7.18
N ALA A 515 -9.62 17.64 -7.30
CA ALA A 515 -8.59 17.37 -6.30
C ALA A 515 -8.73 18.33 -5.12
N SER A 516 -9.11 17.79 -3.97
CA SER A 516 -9.31 18.62 -2.79
C SER A 516 -8.00 18.85 -2.03
N VAL A 517 -7.94 20.01 -1.39
CA VAL A 517 -6.80 20.41 -0.58
C VAL A 517 -7.27 20.41 0.87
N SER A 518 -6.37 20.60 1.81
CA SER A 518 -6.77 20.72 3.20
C SER A 518 -5.67 21.32 4.05
N GLY A 519 -6.02 22.34 4.83
CA GLY A 519 -5.05 22.92 5.77
C GLY A 519 -4.34 21.85 6.56
N SER A 520 -5.15 20.91 7.08
CA SER A 520 -4.66 19.71 7.78
C SER A 520 -3.53 19.02 7.03
N PHE A 521 -3.70 18.97 5.71
CA PHE A 521 -2.62 18.59 4.86
C PHE A 521 -1.43 19.49 5.14
N GLU A 522 -1.62 20.79 4.95
CA GLU A 522 -0.54 21.76 5.03
C GLU A 522 0.09 21.78 6.42
N ARG A 523 -0.75 21.61 7.42
CA ARG A 523 -0.31 21.52 8.81
C ARG A 523 0.58 20.32 9.06
N ILE A 524 0.20 19.17 8.50
CA ILE A 524 1.02 17.98 8.60
C ILE A 524 2.38 18.14 7.94
N MET A 525 2.37 18.68 6.72
CA MET A 525 3.60 18.97 6.02
C MET A 525 4.56 19.70 6.91
N VAL A 526 4.12 20.81 7.49
CA VAL A 526 5.00 21.60 8.35
C VAL A 526 5.57 20.75 9.51
N TRP A 527 4.70 19.96 10.13
CA TRP A 527 5.15 19.10 11.22
C TRP A 527 6.15 18.13 10.65
N ALA A 528 5.79 17.49 9.54
CA ALA A 528 6.74 16.64 8.83
C ALA A 528 8.09 17.35 8.62
N ASP A 529 8.08 18.59 8.13
CA ASP A 529 9.34 19.31 7.93
C ASP A 529 10.12 19.42 9.21
N LYS A 530 9.46 19.82 10.26
CA LYS A 530 10.19 19.99 11.50
C LYS A 530 11.04 18.74 11.78
N PHE A 531 10.53 17.56 11.43
CA PHE A 531 11.13 16.28 11.84
C PHE A 531 12.09 15.63 10.87
N ARG A 532 11.86 15.83 9.57
CA ARG A 532 12.69 15.14 8.57
C ARG A 532 14.07 15.78 8.42
N THR A 533 15.05 14.93 8.08
CA THR A 533 16.42 15.33 7.80
C THR A 533 16.69 15.32 6.29
N LEU A 534 16.22 14.24 5.65
CA LEU A 534 16.29 14.12 4.20
C LEU A 534 15.63 15.32 3.52
N LYS A 535 16.38 16.04 2.69
CA LYS A 535 15.77 16.98 1.76
C LYS A 535 15.10 16.16 0.68
N VAL A 536 14.02 16.66 0.11
CA VAL A 536 13.32 15.93 -0.95
C VAL A 536 13.37 16.71 -2.25
N ARG A 537 13.88 16.09 -3.29
CA ARG A 537 13.92 16.76 -4.58
C ARG A 537 12.98 16.01 -5.46
N THR A 538 12.79 16.48 -6.69
CA THR A 538 11.86 15.81 -7.60
C THR A 538 12.51 15.52 -8.93
N ASN A 539 11.86 14.63 -9.66
CA ASN A 539 12.28 14.27 -10.99
C ASN A 539 11.40 15.08 -11.93
N ALA A 540 11.98 16.06 -12.62
CA ALA A 540 11.20 16.93 -13.50
C ALA A 540 11.96 17.31 -14.76
N ASP A 541 11.23 17.32 -15.88
CA ASP A 541 11.82 17.57 -17.19
C ASP A 541 11.41 18.90 -17.81
N THR A 542 10.32 19.51 -17.33
CA THR A 542 9.94 20.83 -17.82
C THR A 542 9.61 21.77 -16.67
N PRO A 543 9.52 23.08 -16.97
CA PRO A 543 9.08 24.07 -16.00
C PRO A 543 7.76 23.79 -15.31
N GLU A 544 6.70 23.47 -16.06
CA GLU A 544 5.39 23.19 -15.44
C GLU A 544 5.55 22.22 -14.29
N ASP A 545 6.14 21.08 -14.62
CA ASP A 545 6.30 19.99 -13.67
C ASP A 545 7.04 20.53 -12.43
N THR A 546 8.19 21.14 -12.67
CA THR A 546 8.94 21.78 -11.62
C THR A 546 7.97 22.57 -10.71
N LEU A 547 7.25 23.51 -11.30
CA LEU A 547 6.40 24.44 -10.54
C LEU A 547 5.44 23.72 -9.62
N ASN A 548 4.84 22.64 -10.15
CA ASN A 548 3.93 21.81 -9.37
C ASN A 548 4.67 21.09 -8.26
N ALA A 549 5.87 20.60 -8.58
CA ALA A 549 6.67 19.94 -7.58
C ALA A 549 6.98 20.90 -6.45
N VAL A 550 7.46 22.10 -6.80
CA VAL A 550 7.85 23.07 -5.77
C VAL A 550 6.63 23.52 -4.96
N LYS A 551 5.49 23.59 -5.64
CA LYS A 551 4.22 23.89 -4.98
C LYS A 551 3.87 22.85 -3.91
N LEU A 552 4.36 21.63 -4.09
CA LEU A 552 4.12 20.54 -3.14
C LEU A 552 5.32 20.27 -2.23
N GLY A 553 6.25 21.23 -2.18
CA GLY A 553 7.34 21.20 -1.21
C GLY A 553 8.69 20.77 -1.73
N ALA A 554 8.79 20.49 -3.02
CA ALA A 554 10.04 20.03 -3.59
C ALA A 554 11.11 21.06 -3.32
N GLU A 555 12.31 20.60 -2.99
CA GLU A 555 13.41 21.50 -2.66
C GLU A 555 14.39 21.70 -3.83
N GLY A 556 14.05 21.15 -5.00
CA GLY A 556 14.93 21.14 -6.19
C GLY A 556 14.74 19.91 -7.07
N ILE A 557 15.56 19.74 -8.11
CA ILE A 557 15.38 18.64 -9.06
C ILE A 557 16.46 17.54 -8.91
N GLY A 558 16.07 16.39 -8.37
CA GLY A 558 17.00 15.28 -8.25
C GLY A 558 17.40 14.66 -9.58
N LEU A 559 16.53 14.79 -10.59
CA LEU A 559 16.81 14.20 -11.89
C LEU A 559 16.12 14.96 -13.03
N CYS A 560 16.92 15.50 -13.93
CA CYS A 560 16.38 16.21 -15.06
C CYS A 560 16.80 15.52 -16.31
N ARG A 561 15.90 14.73 -16.86
CA ARG A 561 16.18 13.97 -18.08
C ARG A 561 16.37 14.90 -19.27
N THR A 562 17.23 14.51 -20.20
CA THR A 562 17.57 15.35 -21.35
C THR A 562 17.27 14.69 -22.66
N GLU A 563 16.55 13.58 -22.61
CA GLU A 563 16.28 12.82 -23.83
C GLU A 563 15.39 13.64 -24.74
N HIS A 564 14.30 14.17 -24.17
CA HIS A 564 13.35 14.92 -24.97
C HIS A 564 14.00 16.05 -25.77
N MET A 565 15.04 16.67 -25.22
CA MET A 565 15.72 17.77 -25.90
C MET A 565 16.37 17.36 -27.21
N PHE A 566 16.48 16.07 -27.46
CA PHE A 566 16.93 15.58 -28.75
C PHE A 566 15.77 14.95 -29.52
N PHE A 567 14.76 14.47 -28.81
CA PHE A 567 13.66 13.75 -29.44
C PHE A 567 12.70 14.66 -30.22
N GLU A 568 12.30 15.79 -29.61
CA GLU A 568 11.28 16.69 -30.16
C GLU A 568 11.39 16.98 -31.65
N ALA A 569 10.24 17.22 -32.28
CA ALA A 569 10.14 17.41 -33.75
C ALA A 569 11.19 18.36 -34.34
N ASP A 570 11.45 19.45 -33.64
CA ASP A 570 12.39 20.50 -34.09
C ASP A 570 13.86 20.19 -33.80
N ARG A 571 14.13 19.10 -33.10
CA ARG A 571 15.49 18.72 -32.67
C ARG A 571 15.99 17.50 -33.43
N ILE A 572 15.13 16.50 -33.53
CA ILE A 572 15.44 15.18 -34.04
C ILE A 572 16.28 15.16 -35.32
N MET A 573 16.10 16.18 -36.16
CA MET A 573 16.85 16.29 -37.40
C MET A 573 18.35 16.49 -37.15
N LYS A 574 18.67 17.23 -36.09
CA LYS A 574 20.07 17.53 -35.76
C LYS A 574 20.78 16.30 -35.25
N ILE A 575 20.12 15.54 -34.39
CA ILE A 575 20.68 14.29 -33.87
C ILE A 575 20.81 13.28 -35.00
N ARG A 576 19.76 13.16 -35.79
CA ARG A 576 19.77 12.22 -36.89
C ARG A 576 20.96 12.50 -37.76
N LYS A 577 21.12 13.75 -38.19
CA LYS A 577 22.26 14.18 -39.05
C LYS A 577 23.60 13.80 -38.44
N MET A 578 23.72 14.06 -37.13
CA MET A 578 24.92 13.73 -36.37
C MET A 578 25.21 12.24 -36.46
N ILE A 579 24.16 11.44 -36.25
CA ILE A 579 24.26 9.99 -36.27
C ILE A 579 24.81 9.45 -37.59
N LEU A 580 24.29 9.96 -38.70
CA LEU A 580 24.65 9.43 -40.02
C LEU A 580 25.92 10.06 -40.59
N SER A 581 26.49 11.06 -39.91
CA SER A 581 27.77 11.68 -40.32
C SER A 581 28.95 10.72 -40.26
N ASP A 582 30.03 11.08 -40.95
CA ASP A 582 31.20 10.22 -41.05
C ASP A 582 32.48 10.99 -40.77
N SER A 583 32.36 11.99 -39.90
CA SER A 583 33.48 12.86 -39.57
C SER A 583 33.21 13.36 -38.17
N VAL A 584 34.27 13.47 -37.36
CA VAL A 584 34.20 14.16 -36.07
C VAL A 584 33.75 15.62 -36.26
N GLU A 585 34.18 16.21 -37.39
CA GLU A 585 33.88 17.61 -37.73
C GLU A 585 32.41 17.79 -38.13
N ALA A 586 31.89 16.81 -38.87
CA ALA A 586 30.48 16.78 -39.30
C ALA A 586 29.53 16.45 -38.15
N ARG A 587 30.01 15.65 -37.20
CA ARG A 587 29.27 15.39 -35.98
C ARG A 587 29.18 16.67 -35.17
N GLU A 588 30.34 17.29 -34.89
CA GLU A 588 30.40 18.50 -34.06
C GLU A 588 29.52 19.62 -34.61
N GLU A 589 29.50 19.77 -35.94
CA GLU A 589 28.67 20.79 -36.59
C GLU A 589 27.18 20.53 -36.41
N ALA A 590 26.74 19.29 -36.66
CA ALA A 590 25.34 18.89 -36.45
C ALA A 590 24.82 19.10 -35.02
N LEU A 591 25.72 18.87 -34.07
CA LEU A 591 25.44 18.98 -32.64
C LEU A 591 25.37 20.43 -32.18
N ASN A 592 26.23 21.27 -32.74
CA ASN A 592 26.20 22.70 -32.43
C ASN A 592 24.85 23.34 -32.78
N GLU A 593 24.19 22.81 -33.80
CA GLU A 593 22.91 23.34 -34.26
C GLU A 593 21.77 23.14 -33.24
N LEU A 594 21.99 22.26 -32.27
CA LEU A 594 21.03 22.05 -31.16
C LEU A 594 21.26 22.92 -29.93
N ILE A 595 22.50 23.39 -29.78
CA ILE A 595 22.86 24.18 -28.61
C ILE A 595 21.78 25.23 -28.31
N PRO A 596 21.45 26.08 -29.30
CA PRO A 596 20.47 27.14 -29.03
C PRO A 596 19.16 26.61 -28.43
N PHE A 597 18.69 25.49 -28.99
CA PHE A 597 17.37 24.96 -28.65
C PHE A 597 17.42 24.40 -27.24
N GLN A 598 18.54 23.76 -26.91
CA GLN A 598 18.76 23.12 -25.61
C GLN A 598 19.11 24.10 -24.51
N LYS A 599 20.01 25.02 -24.81
CA LYS A 599 20.29 26.15 -23.92
C LYS A 599 18.97 26.85 -23.52
N GLY A 600 18.12 27.06 -24.53
CA GLY A 600 16.80 27.68 -24.35
C GLY A 600 15.88 26.90 -23.45
N ASP A 601 15.95 25.57 -23.54
CA ASP A 601 15.27 24.70 -22.58
C ASP A 601 15.84 24.90 -21.19
N PHE A 602 17.17 24.93 -21.10
CA PHE A 602 17.84 25.03 -19.81
C PHE A 602 17.52 26.33 -19.12
N LYS A 603 17.60 27.43 -19.86
CA LYS A 603 17.22 28.72 -19.30
C LYS A 603 15.90 28.58 -18.50
N ALA A 604 14.87 28.06 -19.16
CA ALA A 604 13.52 28.01 -18.60
C ALA A 604 13.44 27.28 -17.28
N MET A 605 14.27 26.25 -17.15
CA MET A 605 14.30 25.44 -15.95
C MET A 605 14.81 26.30 -14.81
N TYR A 606 16.02 26.82 -14.98
CA TYR A 606 16.62 27.69 -13.98
C TYR A 606 15.70 28.86 -13.63
N LYS A 607 15.02 29.42 -14.64
CA LYS A 607 14.03 30.47 -14.42
C LYS A 607 13.02 30.00 -13.39
N ALA A 608 12.59 28.75 -13.54
CA ALA A 608 11.52 28.19 -12.68
C ALA A 608 11.99 27.73 -11.30
N LEU A 609 13.26 27.35 -11.22
CA LEU A 609 13.84 26.87 -9.99
C LEU A 609 14.27 27.98 -9.06
N GLU A 610 14.58 29.16 -9.61
CA GLU A 610 14.91 30.33 -8.80
C GLU A 610 15.86 29.94 -7.68
N GLY A 611 17.02 29.44 -8.04
CA GLY A 611 18.09 29.15 -7.08
C GLY A 611 18.14 27.73 -6.55
N ARG A 612 17.00 27.05 -6.60
CA ARG A 612 16.98 25.66 -6.23
C ARG A 612 17.92 24.85 -7.14
N PRO A 613 18.60 23.85 -6.60
CA PRO A 613 19.55 23.06 -7.39
C PRO A 613 18.85 22.13 -8.37
N MET A 614 19.59 21.72 -9.39
CA MET A 614 19.08 20.82 -10.41
C MET A 614 20.19 19.90 -10.87
N THR A 615 19.90 18.60 -10.82
CA THR A 615 20.79 17.58 -11.30
C THR A 615 20.39 17.21 -12.73
N VAL A 616 21.33 17.42 -13.66
CA VAL A 616 21.10 17.16 -15.06
C VAL A 616 21.79 15.89 -15.50
N ARG A 617 20.99 14.98 -16.03
CA ARG A 617 21.51 13.73 -16.52
C ARG A 617 21.77 13.80 -18.00
N TYR A 618 23.02 13.60 -18.37
CA TYR A 618 23.42 13.60 -19.76
C TYR A 618 22.83 12.42 -20.51
N LEU A 619 23.06 12.43 -21.83
CA LEU A 619 22.34 11.54 -22.73
C LEU A 619 22.54 10.08 -22.38
N ASP A 620 21.45 9.43 -22.03
CA ASP A 620 21.46 8.07 -21.49
C ASP A 620 21.17 6.88 -22.43
N PRO A 621 20.23 7.02 -23.41
CA PRO A 621 19.92 5.96 -24.37
C PRO A 621 20.80 5.90 -25.63
N PRO A 622 20.86 4.71 -26.25
CA PRO A 622 21.69 4.46 -27.40
C PRO A 622 21.20 5.28 -28.57
N LEU A 623 22.06 5.44 -29.56
CA LEU A 623 21.72 6.22 -30.73
C LEU A 623 20.65 5.49 -31.53
N HIS A 624 20.54 4.19 -31.34
CA HIS A 624 19.54 3.44 -32.06
C HIS A 624 18.16 4.09 -31.93
N GLU A 625 17.86 4.68 -30.79
CA GLU A 625 16.49 5.20 -30.55
C GLU A 625 16.19 6.50 -31.30
N PHE A 626 17.24 7.23 -31.67
CA PHE A 626 17.08 8.50 -32.36
C PHE A 626 17.02 8.35 -33.86
N VAL A 627 17.23 7.13 -34.38
CA VAL A 627 17.15 6.90 -35.83
C VAL A 627 15.78 6.38 -36.23
N PRO A 628 15.35 6.68 -37.46
CA PRO A 628 14.02 6.25 -37.89
C PRO A 628 13.95 4.74 -38.01
N HIS A 629 12.84 4.16 -37.59
CA HIS A 629 12.63 2.72 -37.65
C HIS A 629 11.66 2.29 -38.77
N THR A 630 11.12 3.27 -39.49
CA THR A 630 10.19 3.03 -40.57
C THR A 630 10.81 3.41 -41.91
N GLU A 631 10.79 2.46 -42.83
CA GLU A 631 11.30 2.68 -44.21
C GLU A 631 10.86 4.03 -44.82
N GLU A 632 9.69 4.51 -44.40
CA GLU A 632 9.19 5.82 -44.81
C GLU A 632 10.09 6.94 -44.30
N GLU A 633 10.28 6.97 -42.98
CA GLU A 633 11.09 8.01 -42.37
C GLU A 633 12.54 7.85 -42.77
N GLN A 634 13.00 6.59 -42.87
CA GLN A 634 14.37 6.31 -43.30
C GLN A 634 14.60 6.95 -44.65
N ALA A 635 13.57 6.89 -45.49
CA ALA A 635 13.62 7.46 -46.84
C ALA A 635 13.63 8.98 -46.84
N GLU A 636 12.79 9.54 -45.96
CA GLU A 636 12.64 10.97 -45.82
C GLU A 636 13.98 11.57 -45.39
N LEU A 637 14.64 10.90 -44.48
CA LEU A 637 15.92 11.35 -43.95
C LEU A 637 17.04 11.28 -44.99
N ALA A 638 17.07 10.19 -45.75
CA ALA A 638 18.03 9.99 -46.86
C ALA A 638 17.86 11.08 -47.91
N LYS A 639 16.61 11.44 -48.12
CA LYS A 639 16.26 12.55 -48.98
C LYS A 639 16.82 13.84 -48.42
N ASN A 640 16.72 14.00 -47.10
CA ASN A 640 17.14 15.26 -46.47
C ASN A 640 18.66 15.46 -46.39
N MET A 641 19.42 14.37 -46.38
CA MET A 641 20.88 14.49 -46.28
C MET A 641 21.64 14.10 -47.55
N GLY A 642 20.91 13.73 -48.60
CA GLY A 642 21.52 13.35 -49.87
C GLY A 642 22.21 12.01 -49.78
N LEU A 643 21.47 11.03 -49.26
CA LEU A 643 21.98 9.67 -49.16
C LEU A 643 20.96 8.73 -49.77
N THR A 644 21.35 7.48 -49.92
CA THR A 644 20.46 6.44 -50.43
C THR A 644 19.67 5.85 -49.28
N LEU A 645 18.46 5.36 -49.60
CA LEU A 645 17.62 4.65 -48.62
C LEU A 645 18.34 3.43 -48.01
N ALA A 646 19.19 2.81 -48.83
CA ALA A 646 20.06 1.74 -48.38
C ALA A 646 21.08 2.23 -47.35
N GLU A 647 21.87 3.25 -47.74
CA GLU A 647 22.94 3.81 -46.91
C GLU A 647 22.47 4.19 -45.50
N VAL A 648 21.26 4.76 -45.43
CA VAL A 648 20.64 5.04 -44.14
C VAL A 648 20.35 3.71 -43.45
N LYS A 649 19.72 2.78 -44.18
CA LYS A 649 19.36 1.46 -43.66
C LYS A 649 20.56 0.65 -43.15
N ALA A 650 21.70 0.80 -43.81
CA ALA A 650 22.96 0.20 -43.36
C ALA A 650 23.40 0.81 -42.03
N LYS A 651 23.22 2.12 -41.88
CA LYS A 651 23.57 2.79 -40.63
C LYS A 651 22.65 2.31 -39.51
N VAL A 652 21.36 2.22 -39.79
CA VAL A 652 20.37 1.82 -38.77
C VAL A 652 20.68 0.44 -38.23
N ASP A 653 20.91 -0.51 -39.13
CA ASP A 653 21.22 -1.89 -38.71
C ASP A 653 22.59 -2.00 -38.02
N GLU A 654 23.54 -1.17 -38.45
CA GLU A 654 24.82 -1.10 -37.77
C GLU A 654 24.60 -0.79 -36.28
N LEU A 655 23.75 0.18 -36.01
CA LEU A 655 23.45 0.58 -34.64
C LEU A 655 22.67 -0.47 -33.84
N HIS A 656 22.07 -1.45 -34.52
CA HIS A 656 21.23 -2.49 -33.87
C HIS A 656 22.01 -3.30 -32.81
N GLU A 657 21.37 -3.46 -31.64
CA GLU A 657 21.99 -4.05 -30.43
C GLU A 657 21.16 -5.17 -29.82
N PHE A 658 21.78 -6.35 -29.67
CA PHE A 658 21.13 -7.52 -29.08
C PHE A 658 20.47 -7.25 -27.74
N ASN A 659 21.13 -6.48 -26.89
CA ASN A 659 20.53 -6.08 -25.61
C ASN A 659 20.69 -4.57 -25.37
N PRO A 660 19.75 -3.76 -25.89
CA PRO A 660 19.84 -2.32 -25.78
C PRO A 660 20.01 -1.77 -24.37
N MET A 661 19.60 -2.54 -23.36
CA MET A 661 19.75 -2.06 -22.00
C MET A 661 21.22 -2.03 -21.56
N MET A 662 22.07 -2.78 -22.25
CA MET A 662 23.48 -2.92 -21.87
C MET A 662 24.42 -2.76 -23.06
N GLY A 663 24.18 -1.70 -23.83
CA GLY A 663 24.94 -1.45 -25.08
C GLY A 663 25.87 -0.24 -25.13
N HIS A 664 25.90 0.41 -26.27
CA HIS A 664 26.69 1.60 -26.44
C HIS A 664 25.81 2.80 -26.10
N ARG A 665 25.76 3.14 -24.81
CA ARG A 665 24.91 4.23 -24.36
C ARG A 665 25.47 4.86 -23.10
N GLY A 666 24.80 5.88 -22.61
CA GLY A 666 25.27 6.58 -21.43
C GLY A 666 26.70 7.05 -21.54
N CYS A 667 27.50 6.73 -20.53
CA CYS A 667 28.89 7.18 -20.45
C CYS A 667 29.63 6.68 -21.66
N ARG A 668 29.35 5.44 -22.03
CA ARG A 668 30.06 4.76 -23.10
C ARG A 668 29.93 5.47 -24.43
N LEU A 669 28.87 6.25 -24.57
CA LEU A 669 28.60 7.04 -25.76
C LEU A 669 29.40 8.33 -25.76
N ALA A 670 29.57 8.92 -24.60
CA ALA A 670 30.38 10.10 -24.47
C ALA A 670 31.83 9.76 -24.72
N VAL A 671 32.21 8.54 -24.40
CA VAL A 671 33.59 8.12 -24.53
C VAL A 671 33.97 8.14 -25.98
N THR A 672 33.11 7.56 -26.81
CA THR A 672 33.37 7.45 -28.24
C THR A 672 33.15 8.80 -28.94
N TYR A 673 32.05 9.48 -28.60
CA TYR A 673 31.70 10.74 -29.19
C TYR A 673 31.66 11.87 -28.19
N PRO A 674 32.81 12.25 -27.63
CA PRO A 674 32.84 13.30 -26.61
C PRO A 674 32.01 14.52 -26.99
N GLU A 675 32.00 14.83 -28.28
CA GLU A 675 31.27 15.96 -28.89
C GLU A 675 29.87 16.10 -28.34
N ILE A 676 29.23 14.98 -28.06
CA ILE A 676 27.91 15.02 -27.49
C ILE A 676 27.98 15.73 -26.14
N ALA A 677 28.81 15.22 -25.23
CA ALA A 677 28.92 15.80 -23.88
C ALA A 677 29.25 17.32 -23.92
N LYS A 678 30.36 17.67 -24.57
CA LYS A 678 30.78 19.06 -24.77
C LYS A 678 29.59 19.98 -25.07
N MET A 679 28.77 19.55 -26.02
CA MET A 679 27.62 20.31 -26.47
C MET A 679 26.60 20.45 -25.35
N GLN A 680 26.29 19.34 -24.68
CA GLN A 680 25.36 19.39 -23.59
C GLN A 680 25.92 20.27 -22.48
N THR A 681 27.24 20.25 -22.29
CA THR A 681 27.89 21.09 -21.28
C THR A 681 27.83 22.57 -21.63
N ARG A 682 28.04 22.88 -22.90
CA ARG A 682 27.94 24.23 -23.41
C ARG A 682 26.55 24.79 -23.15
N ALA A 683 25.54 24.08 -23.63
CA ALA A 683 24.15 24.46 -23.45
C ALA A 683 23.82 24.74 -21.98
N VAL A 684 24.15 23.79 -21.10
CA VAL A 684 23.87 23.92 -19.67
C VAL A 684 24.57 25.13 -19.10
N MET A 685 25.88 25.23 -19.36
CA MET A 685 26.70 26.27 -18.73
C MET A 685 26.36 27.70 -19.15
N GLU A 686 26.11 27.91 -20.45
CA GLU A 686 25.65 29.22 -20.91
C GLU A 686 24.26 29.54 -20.36
N ALA A 687 23.39 28.54 -20.38
CA ALA A 687 22.04 28.69 -19.85
C ALA A 687 22.08 29.15 -18.40
N ALA A 688 22.94 28.55 -17.60
CA ALA A 688 23.00 28.94 -16.20
C ALA A 688 23.59 30.34 -16.07
N ILE A 689 24.77 30.55 -16.66
CA ILE A 689 25.47 31.83 -16.53
C ILE A 689 24.51 32.99 -16.85
N GLU A 690 23.83 32.90 -17.99
CA GLU A 690 22.94 33.97 -18.45
C GLU A 690 21.83 34.28 -17.45
N VAL A 691 21.10 33.25 -17.03
CA VAL A 691 20.01 33.45 -16.07
C VAL A 691 20.55 34.03 -14.76
N LYS A 692 21.76 33.63 -14.39
CA LYS A 692 22.45 34.19 -13.20
C LYS A 692 22.62 35.70 -13.32
N GLU A 693 23.17 36.16 -14.45
CA GLU A 693 23.36 37.59 -14.74
C GLU A 693 22.02 38.29 -14.77
N GLU A 694 21.04 37.64 -15.38
CA GLU A 694 19.70 38.21 -15.61
C GLU A 694 18.92 38.45 -14.34
N THR A 695 19.15 37.63 -13.33
CA THR A 695 18.44 37.77 -12.05
C THR A 695 19.33 37.98 -10.85
N GLY A 696 20.64 37.74 -10.98
CA GLY A 696 21.55 37.76 -9.84
C GLY A 696 21.40 36.55 -8.93
N ILE A 697 20.40 35.72 -9.22
CA ILE A 697 20.17 34.46 -8.52
C ILE A 697 21.36 33.55 -8.81
N ASP A 698 22.02 33.11 -7.73
CA ASP A 698 23.18 32.24 -7.86
C ASP A 698 22.76 30.87 -8.37
N ILE A 699 23.64 30.23 -9.13
CA ILE A 699 23.37 28.86 -9.58
C ILE A 699 24.64 28.00 -9.45
N VAL A 700 24.42 26.74 -9.04
CA VAL A 700 25.44 25.71 -8.95
C VAL A 700 24.96 24.53 -9.80
N PRO A 701 25.29 24.53 -11.10
CA PRO A 701 24.84 23.46 -11.97
C PRO A 701 25.39 22.12 -11.54
N GLU A 702 24.57 21.07 -11.59
CA GLU A 702 25.03 19.71 -11.26
C GLU A 702 24.97 18.83 -12.48
N ILE A 703 26.12 18.32 -12.91
CA ILE A 703 26.20 17.52 -14.13
C ILE A 703 26.44 16.06 -13.82
N MET A 704 25.50 15.22 -14.24
CA MET A 704 25.50 13.83 -13.83
C MET A 704 25.70 12.91 -15.01
N ILE A 705 26.68 12.02 -14.89
CA ILE A 705 27.02 11.09 -15.94
C ILE A 705 26.33 9.77 -15.69
N PRO A 706 25.52 9.29 -16.66
CA PRO A 706 24.85 8.01 -16.52
C PRO A 706 25.72 6.83 -16.85
N LEU A 707 25.32 5.65 -16.38
CA LEU A 707 25.98 4.37 -16.65
C LEU A 707 27.48 4.40 -16.54
N VAL A 708 27.96 4.76 -15.37
CA VAL A 708 29.37 4.71 -15.10
C VAL A 708 29.64 3.37 -14.39
N GLY A 709 30.76 2.72 -14.72
CA GLY A 709 31.17 1.49 -14.03
C GLY A 709 32.62 1.45 -13.55
N GLU A 710 33.43 2.43 -13.94
CA GLU A 710 34.85 2.45 -13.59
C GLU A 710 35.40 3.88 -13.42
N LYS A 711 36.15 4.10 -12.34
CA LYS A 711 36.73 5.41 -12.04
C LYS A 711 37.23 6.15 -13.27
N LYS A 712 38.18 5.53 -14.00
CA LYS A 712 38.86 6.19 -15.15
C LYS A 712 37.92 6.52 -16.31
N GLU A 713 36.87 5.72 -16.38
CA GLU A 713 35.77 5.94 -17.28
C GLU A 713 35.18 7.34 -17.01
N LEU A 714 34.74 7.57 -15.78
CA LEU A 714 34.15 8.86 -15.41
C LEU A 714 35.14 9.99 -15.68
N LYS A 715 36.41 9.70 -15.41
CA LYS A 715 37.46 10.71 -15.49
C LYS A 715 37.66 11.18 -16.92
N PHE A 716 37.62 10.24 -17.85
CA PHE A 716 37.67 10.59 -19.24
C PHE A 716 36.62 11.65 -19.55
N VAL A 717 35.38 11.34 -19.19
CA VAL A 717 34.26 12.19 -19.53
C VAL A 717 34.35 13.47 -18.71
N LYS A 718 34.60 13.34 -17.40
CA LYS A 718 34.80 14.53 -16.51
C LYS A 718 35.74 15.60 -17.09
N ASP A 719 36.90 15.15 -17.58
CA ASP A 719 37.90 16.01 -18.20
C ASP A 719 37.25 16.82 -19.30
N VAL A 720 36.55 16.12 -20.19
CA VAL A 720 35.92 16.77 -21.34
C VAL A 720 35.05 17.91 -20.81
N VAL A 721 34.06 17.55 -20.00
CA VAL A 721 33.11 18.51 -19.48
C VAL A 721 33.78 19.68 -18.74
N VAL A 722 34.73 19.39 -17.87
CA VAL A 722 35.45 20.48 -17.16
C VAL A 722 36.18 21.43 -18.14
N GLU A 723 36.85 20.89 -19.15
CA GLU A 723 37.56 21.76 -20.10
C GLU A 723 36.54 22.73 -20.69
N VAL A 724 35.43 22.17 -21.18
CA VAL A 724 34.39 22.95 -21.83
C VAL A 724 33.72 23.93 -20.85
N ALA A 725 33.35 23.48 -19.67
CA ALA A 725 32.72 24.38 -18.71
C ALA A 725 33.61 25.58 -18.44
N GLU A 726 34.89 25.31 -18.19
CA GLU A 726 35.85 26.37 -17.84
C GLU A 726 36.09 27.38 -18.99
N GLN A 727 35.95 26.88 -20.21
CA GLN A 727 35.96 27.69 -21.43
C GLN A 727 34.79 28.68 -21.41
N VAL A 728 33.58 28.14 -21.27
CA VAL A 728 32.36 28.93 -21.26
C VAL A 728 32.45 29.98 -20.17
N LYS A 729 33.06 29.61 -19.04
CA LYS A 729 33.33 30.55 -17.94
C LYS A 729 34.23 31.71 -18.38
N LYS A 730 35.32 31.35 -19.05
CA LYS A 730 36.23 32.35 -19.60
C LYS A 730 35.49 33.27 -20.55
N GLU A 731 34.76 32.67 -21.49
CA GLU A 731 34.06 33.41 -22.55
C GLU A 731 33.07 34.45 -22.05
N LYS A 732 32.40 34.15 -20.93
CA LYS A 732 31.45 35.08 -20.32
C LYS A 732 31.98 35.71 -19.02
N GLY A 733 33.25 35.45 -18.72
CA GLY A 733 33.92 36.05 -17.56
C GLY A 733 33.14 35.82 -16.29
N SER A 734 32.86 34.54 -15.98
CA SER A 734 32.10 34.14 -14.78
C SER A 734 32.92 33.25 -13.86
N ASP A 735 32.54 33.29 -12.57
CA ASP A 735 33.19 32.51 -11.50
C ASP A 735 32.22 31.45 -10.93
N MET A 736 31.19 31.12 -11.72
CA MET A 736 30.13 30.18 -11.30
C MET A 736 30.68 28.82 -10.93
N GLN A 737 30.30 28.33 -9.76
CA GLN A 737 30.68 27.01 -9.32
C GLN A 737 29.82 25.93 -10.00
N TYR A 738 30.43 24.77 -10.26
CA TYR A 738 29.70 23.61 -10.73
C TYR A 738 30.25 22.31 -10.12
N HIS A 739 29.43 21.27 -10.15
CA HIS A 739 29.77 19.95 -9.66
C HIS A 739 29.43 18.88 -10.68
N ILE A 740 30.32 17.90 -10.76
CA ILE A 740 30.14 16.75 -11.61
C ILE A 740 30.04 15.54 -10.70
N GLY A 741 29.01 14.74 -10.94
CA GLY A 741 28.82 13.50 -10.23
C GLY A 741 28.47 12.42 -11.22
N THR A 742 27.98 11.30 -10.69
CA THR A 742 27.62 10.16 -11.49
C THR A 742 26.38 9.48 -10.97
N MET A 743 25.74 8.73 -11.85
CA MET A 743 24.72 7.75 -11.46
C MET A 743 25.38 6.44 -10.98
N ILE A 744 24.78 5.84 -9.97
CA ILE A 744 25.21 4.54 -9.48
C ILE A 744 24.09 3.60 -9.82
N GLU A 745 24.12 3.10 -11.04
CA GLU A 745 23.10 2.17 -11.50
C GLU A 745 23.70 0.89 -12.02
N ILE A 746 25.03 0.79 -11.97
CA ILE A 746 25.79 -0.38 -12.42
C ILE A 746 26.48 -1.03 -11.25
N PRO A 747 26.09 -2.26 -10.91
CA PRO A 747 26.61 -2.89 -9.73
C PRO A 747 28.07 -2.55 -9.42
N ARG A 748 28.93 -2.62 -10.43
CA ARG A 748 30.35 -2.42 -10.27
C ARG A 748 30.63 -1.07 -9.61
N ALA A 749 29.93 -0.04 -10.08
CA ALA A 749 30.14 1.31 -9.58
C ALA A 749 29.93 1.36 -8.09
N ALA A 750 28.99 0.56 -7.60
CA ALA A 750 28.71 0.49 -6.16
C ALA A 750 29.81 -0.27 -5.46
N LEU A 751 30.29 -1.34 -6.09
CA LEU A 751 31.36 -2.14 -5.50
C LEU A 751 32.70 -1.39 -5.37
N THR A 752 32.97 -0.48 -6.31
CA THR A 752 34.19 0.32 -6.29
C THR A 752 33.88 1.78 -6.06
N ALA A 753 32.82 2.05 -5.32
CA ALA A 753 32.38 3.42 -5.07
C ALA A 753 33.53 4.26 -4.54
N ASP A 754 34.37 3.69 -3.70
CA ASP A 754 35.48 4.46 -3.15
C ASP A 754 36.34 5.05 -4.25
N ALA A 755 36.66 4.23 -5.26
CA ALA A 755 37.45 4.69 -6.42
C ALA A 755 36.67 5.73 -7.22
N ILE A 756 35.38 5.49 -7.39
CA ILE A 756 34.53 6.34 -8.21
C ILE A 756 34.42 7.71 -7.58
N ALA A 757 34.27 7.72 -6.26
CA ALA A 757 34.16 8.96 -5.52
C ALA A 757 35.35 9.89 -5.76
N GLU A 758 36.55 9.34 -5.98
CA GLU A 758 37.78 10.14 -6.19
C GLU A 758 37.64 11.21 -7.27
N GLU A 759 36.67 10.99 -8.15
CA GLU A 759 36.31 11.97 -9.17
C GLU A 759 34.91 12.55 -8.93
N ALA A 760 33.94 11.69 -8.62
CA ALA A 760 32.53 12.10 -8.59
C ALA A 760 32.24 12.93 -7.36
N GLU A 761 31.68 14.11 -7.54
CA GLU A 761 31.42 15.04 -6.42
C GLU A 761 30.10 14.74 -5.69
N PHE A 762 29.23 13.97 -6.34
CA PHE A 762 27.97 13.50 -5.76
C PHE A 762 27.61 12.12 -6.35
N PHE A 763 26.72 11.39 -5.68
CA PHE A 763 26.22 10.12 -6.19
C PHE A 763 24.71 10.09 -6.23
N SER A 764 24.14 9.76 -7.38
CA SER A 764 22.71 9.64 -7.49
C SER A 764 22.42 8.17 -7.72
N PHE A 765 21.67 7.54 -6.84
CA PHE A 765 21.29 6.16 -7.06
C PHE A 765 20.15 6.05 -8.08
N GLY A 766 20.45 5.49 -9.26
CA GLY A 766 19.43 5.22 -10.26
C GLY A 766 18.92 3.84 -10.00
N THR A 767 18.11 3.70 -8.96
CA THR A 767 17.77 2.38 -8.48
C THR A 767 16.93 1.59 -9.47
N ASN A 768 16.40 2.25 -10.48
CA ASN A 768 15.73 1.53 -11.56
C ASN A 768 16.72 0.58 -12.21
N ASP A 769 17.69 1.14 -12.94
CA ASP A 769 18.64 0.34 -13.70
C ASP A 769 19.49 -0.50 -12.79
N LEU A 770 19.68 -0.09 -11.54
CA LEU A 770 20.42 -0.93 -10.58
C LEU A 770 19.65 -2.22 -10.25
N THR A 771 18.38 -2.09 -9.98
CA THR A 771 17.57 -3.26 -9.69
C THR A 771 17.60 -4.19 -10.88
N GLN A 772 17.37 -3.64 -12.06
CA GLN A 772 17.34 -4.48 -13.25
C GLN A 772 18.56 -5.39 -13.23
N MET A 773 19.73 -4.79 -13.02
CA MET A 773 20.99 -5.51 -13.20
C MET A 773 21.34 -6.41 -12.01
N THR A 774 20.97 -5.99 -10.81
CA THR A 774 21.23 -6.82 -9.65
C THR A 774 20.40 -8.10 -9.70
N PHE A 775 19.13 -7.98 -10.07
CA PHE A 775 18.27 -9.13 -10.16
C PHE A 775 18.55 -9.88 -11.43
N GLY A 776 19.11 -9.16 -12.38
CA GLY A 776 19.43 -9.76 -13.65
C GLY A 776 18.19 -9.91 -14.49
N PHE A 777 17.32 -8.90 -14.50
CA PHE A 777 16.26 -8.87 -15.50
C PHE A 777 15.78 -7.48 -15.94
N SER A 778 15.26 -7.44 -17.16
CA SER A 778 14.69 -6.23 -17.73
C SER A 778 13.24 -6.07 -17.32
N ARG A 779 12.90 -4.87 -16.87
CA ARG A 779 11.56 -4.58 -16.40
C ARG A 779 10.56 -4.94 -17.48
N ASP A 780 10.84 -4.52 -18.71
CA ASP A 780 9.92 -4.70 -19.83
C ASP A 780 9.58 -6.15 -20.16
N ASP A 781 10.47 -7.11 -19.82
CA ASP A 781 10.28 -8.55 -20.11
C ASP A 781 9.91 -9.35 -18.87
N ALA A 782 9.90 -8.71 -17.72
CA ALA A 782 9.66 -9.40 -16.47
C ALA A 782 8.21 -9.78 -16.23
N GLY A 783 7.29 -9.15 -16.95
CA GLY A 783 5.87 -9.41 -16.73
C GLY A 783 5.48 -10.88 -16.89
N LYS A 784 6.12 -11.56 -17.84
CA LYS A 784 5.72 -12.91 -18.19
C LYS A 784 6.16 -13.99 -17.21
N PHE A 785 6.61 -13.61 -16.02
CA PHE A 785 6.85 -14.60 -14.96
C PHE A 785 6.74 -14.03 -13.57
N LEU A 786 7.09 -12.76 -13.38
CA LEU A 786 6.90 -12.09 -12.09
C LEU A 786 5.51 -12.38 -11.44
N ASP A 787 4.50 -12.34 -12.29
CA ASP A 787 3.16 -12.77 -11.91
C ASP A 787 3.19 -14.15 -11.27
N SER A 788 3.78 -15.11 -11.98
CA SER A 788 3.96 -16.48 -11.46
C SER A 788 4.78 -16.56 -10.18
N TYR A 789 5.67 -15.60 -10.03
CA TYR A 789 6.53 -15.51 -8.88
C TYR A 789 5.74 -15.01 -7.71
N TYR A 790 4.98 -13.93 -7.93
CA TYR A 790 4.14 -13.38 -6.88
C TYR A 790 3.12 -14.41 -6.36
N LYS A 791 2.51 -15.17 -7.28
CA LYS A 791 1.55 -16.23 -6.92
C LYS A 791 2.23 -17.21 -5.99
N ALA A 792 3.39 -17.68 -6.43
CA ALA A 792 4.11 -18.73 -5.73
C ALA A 792 4.80 -18.26 -4.48
N LYS A 793 4.63 -16.98 -4.16
CA LYS A 793 5.21 -16.38 -2.96
C LYS A 793 6.74 -16.33 -3.04
N ILE A 794 7.28 -16.37 -4.25
CA ILE A 794 8.73 -16.27 -4.41
C ILE A 794 9.12 -14.85 -4.04
N TYR A 795 8.38 -13.91 -4.62
CA TYR A 795 8.50 -12.53 -4.24
C TYR A 795 7.15 -12.07 -3.67
N GLU A 796 7.23 -11.33 -2.56
CA GLU A 796 6.07 -10.74 -1.90
C GLU A 796 5.97 -9.25 -2.20
N SER A 797 6.91 -8.72 -3.00
CA SER A 797 6.89 -7.29 -3.36
C SER A 797 7.49 -7.05 -4.74
N ASP A 798 6.97 -6.05 -5.42
CA ASP A 798 7.50 -5.64 -6.72
C ASP A 798 8.83 -4.94 -6.46
N PRO A 799 9.96 -5.54 -6.87
CA PRO A 799 11.27 -4.92 -6.67
C PRO A 799 11.49 -3.61 -7.45
N PHE A 800 10.68 -3.38 -8.48
CA PHE A 800 10.74 -2.15 -9.24
C PHE A 800 9.91 -1.04 -8.59
N ALA A 801 9.06 -1.43 -7.65
CA ALA A 801 8.16 -0.49 -7.00
C ALA A 801 8.56 -0.31 -5.57
N ARG A 802 9.16 -1.34 -5.01
CA ARG A 802 9.57 -1.33 -3.63
C ARG A 802 11.05 -1.74 -3.60
N LEU A 803 11.89 -0.94 -2.96
CA LEU A 803 13.31 -1.20 -3.00
C LEU A 803 13.59 -2.50 -2.31
N ASP A 804 14.44 -3.30 -2.94
CA ASP A 804 14.80 -4.60 -2.41
C ASP A 804 15.97 -4.50 -1.45
N GLN A 805 15.67 -4.30 -0.18
CA GLN A 805 16.68 -3.93 0.81
C GLN A 805 17.69 -5.02 1.05
N THR A 806 17.20 -6.25 1.00
CA THR A 806 18.01 -7.37 1.29
C THR A 806 19.08 -7.53 0.23
N GLY A 807 18.70 -7.39 -1.04
CA GLY A 807 19.64 -7.56 -2.17
C GLY A 807 20.18 -6.27 -2.74
N VAL A 808 19.33 -5.47 -3.37
CA VAL A 808 19.79 -4.22 -3.96
C VAL A 808 20.35 -3.32 -2.88
N GLY A 809 19.60 -3.22 -1.79
CA GLY A 809 19.99 -2.38 -0.67
C GLY A 809 21.45 -2.50 -0.33
N GLN A 810 21.96 -3.72 -0.29
CA GLN A 810 23.34 -3.94 0.09
C GLN A 810 24.28 -3.09 -0.72
N LEU A 811 24.02 -2.98 -2.00
CA LEU A 811 24.92 -2.22 -2.88
C LEU A 811 24.85 -0.75 -2.59
N VAL A 812 23.65 -0.28 -2.34
CA VAL A 812 23.43 1.11 -2.10
C VAL A 812 24.19 1.44 -0.85
N GLU A 813 23.83 0.77 0.24
CA GLU A 813 24.47 0.95 1.53
C GLU A 813 25.98 0.99 1.37
N MET A 814 26.51 -0.04 0.72
CA MET A 814 27.92 -0.12 0.44
C MET A 814 28.43 1.10 -0.31
N ALA A 815 27.81 1.39 -1.45
CA ALA A 815 28.23 2.52 -2.26
C ALA A 815 28.44 3.75 -1.37
N VAL A 816 27.47 4.03 -0.49
CA VAL A 816 27.55 5.21 0.37
C VAL A 816 28.75 5.07 1.28
N LYS A 817 28.81 3.96 2.00
CA LYS A 817 29.87 3.81 2.98
C LYS A 817 31.24 4.00 2.32
N LYS A 818 31.43 3.37 1.17
CA LYS A 818 32.70 3.43 0.43
C LYS A 818 33.01 4.81 -0.16
N GLY A 819 31.98 5.46 -0.73
CA GLY A 819 32.14 6.80 -1.29
C GLY A 819 32.67 7.79 -0.27
N ARG A 820 32.15 7.71 0.94
CA ARG A 820 32.53 8.66 2.01
C ARG A 820 33.90 8.38 2.64
N GLN A 821 34.54 7.27 2.26
CA GLN A 821 35.86 6.92 2.75
C GLN A 821 36.86 7.75 2.03
N THR A 822 36.65 7.93 0.72
CA THR A 822 37.51 8.83 -0.08
C THR A 822 37.04 10.30 -0.11
N ARG A 823 35.71 10.51 -0.01
CA ARG A 823 35.13 11.87 -0.05
C ARG A 823 34.06 12.05 1.04
N PRO A 824 34.47 12.29 2.29
CA PRO A 824 33.57 12.39 3.46
C PRO A 824 32.29 13.23 3.26
N GLY A 825 32.43 14.36 2.56
CA GLY A 825 31.35 15.31 2.33
C GLY A 825 30.66 15.01 1.02
N LEU A 826 30.45 13.72 0.76
CA LEU A 826 29.82 13.26 -0.48
C LEU A 826 28.30 13.21 -0.33
N LYS A 827 27.61 13.95 -1.18
CA LYS A 827 26.17 13.98 -1.17
C LYS A 827 25.67 12.82 -2.01
N CYS A 828 24.69 12.10 -1.48
CA CYS A 828 24.06 10.98 -2.18
C CYS A 828 22.53 11.08 -2.17
N GLY A 829 21.95 10.99 -3.37
CA GLY A 829 20.50 10.90 -3.51
C GLY A 829 20.02 9.66 -4.25
N ILE A 830 18.72 9.52 -4.38
CA ILE A 830 18.11 8.42 -5.11
C ILE A 830 17.08 9.01 -6.07
N CYS A 831 17.11 8.57 -7.31
CA CYS A 831 16.27 9.18 -8.33
C CYS A 831 15.32 8.22 -9.00
N GLY A 832 15.45 6.93 -8.73
CA GLY A 832 14.50 5.94 -9.22
C GLY A 832 13.06 6.11 -8.74
N GLU A 833 12.18 5.30 -9.27
CA GLU A 833 10.81 5.30 -8.84
C GLU A 833 10.72 5.02 -7.31
N HIS A 834 11.69 4.30 -6.75
CA HIS A 834 11.62 3.93 -5.35
C HIS A 834 11.71 5.14 -4.44
N GLY A 835 12.17 6.26 -4.99
CA GLY A 835 12.30 7.51 -4.23
C GLY A 835 11.00 8.05 -3.65
N GLY A 836 9.89 7.65 -4.23
CA GLY A 836 8.57 7.97 -3.69
C GLY A 836 7.92 6.78 -2.98
N ASP A 837 8.71 5.75 -2.67
CA ASP A 837 8.18 4.62 -1.93
C ASP A 837 8.60 4.68 -0.47
N PRO A 838 7.63 4.97 0.43
CA PRO A 838 7.88 5.12 1.85
C PRO A 838 8.99 4.22 2.41
N SER A 839 8.84 2.90 2.28
CA SER A 839 9.79 1.95 2.88
C SER A 839 11.21 2.16 2.31
N SER A 840 11.25 2.48 1.03
CA SER A 840 12.49 2.77 0.35
C SER A 840 13.13 4.05 0.92
N VAL A 841 12.31 5.08 1.10
CA VAL A 841 12.79 6.32 1.66
C VAL A 841 13.42 5.99 2.99
N GLU A 842 12.67 5.27 3.84
CA GLU A 842 13.15 4.97 5.19
C GLU A 842 14.50 4.29 5.12
N PHE A 843 14.65 3.34 4.21
CA PHE A 843 15.97 2.76 4.00
C PHE A 843 16.92 3.89 3.71
N CYS A 844 16.66 4.62 2.63
CA CYS A 844 17.55 5.71 2.23
C CYS A 844 17.96 6.58 3.43
N HIS A 845 17.03 6.83 4.34
CA HIS A 845 17.31 7.60 5.55
C HIS A 845 18.36 6.90 6.36
N LYS A 846 18.07 5.65 6.69
CA LYS A 846 18.89 4.85 7.59
C LYS A 846 20.33 4.65 7.09
N VAL A 847 20.49 4.45 5.77
CA VAL A 847 21.81 4.22 5.15
C VAL A 847 22.62 5.51 4.96
N GLY A 848 21.93 6.66 4.99
CA GLY A 848 22.56 7.98 5.13
C GLY A 848 22.43 8.95 3.98
N LEU A 849 21.55 8.67 3.05
CA LEU A 849 21.43 9.51 1.85
C LEU A 849 21.14 10.94 2.26
N ASN A 850 21.52 11.89 1.41
CA ASN A 850 21.26 13.30 1.70
C ASN A 850 19.85 13.69 1.31
N TYR A 851 19.35 13.10 0.22
CA TYR A 851 18.00 13.36 -0.23
C TYR A 851 17.43 12.27 -1.10
N VAL A 852 16.13 12.39 -1.34
CA VAL A 852 15.41 11.51 -2.24
C VAL A 852 14.81 12.32 -3.38
N SER A 853 14.49 11.65 -4.48
CA SER A 853 13.82 12.33 -5.57
C SER A 853 12.69 11.48 -6.12
N CYS A 854 11.55 12.10 -6.36
CA CYS A 854 10.38 11.37 -6.83
C CYS A 854 9.58 12.22 -7.81
N SER A 855 8.56 11.62 -8.41
CA SER A 855 7.70 12.35 -9.34
C SER A 855 6.92 13.42 -8.62
N PRO A 856 6.71 14.57 -9.28
CA PRO A 856 6.13 15.73 -8.61
C PRO A 856 5.00 15.38 -7.63
N PHE A 857 4.01 14.63 -8.08
CA PHE A 857 2.82 14.40 -7.27
C PHE A 857 3.03 13.38 -6.14
N ARG A 858 4.26 12.88 -5.97
CA ARG A 858 4.60 12.00 -4.82
C ARG A 858 5.46 12.72 -3.80
N VAL A 859 5.85 13.95 -4.11
CA VAL A 859 6.67 14.73 -3.21
C VAL A 859 6.10 14.66 -1.79
N PRO A 860 4.78 14.93 -1.65
CA PRO A 860 4.15 14.90 -0.34
C PRO A 860 4.33 13.61 0.46
N ILE A 861 4.35 12.48 -0.24
CA ILE A 861 4.47 11.17 0.42
C ILE A 861 5.89 10.97 0.93
N ALA A 862 6.84 11.38 0.11
CA ALA A 862 8.24 11.41 0.50
C ALA A 862 8.46 12.33 1.71
N ARG A 863 8.02 13.58 1.60
CA ARG A 863 8.17 14.52 2.66
C ARG A 863 7.70 13.90 3.95
N LEU A 864 6.53 13.29 3.91
CA LEU A 864 6.02 12.65 5.10
C LEU A 864 6.91 11.45 5.47
N ALA A 865 7.02 10.52 4.54
CA ALA A 865 7.85 9.35 4.70
C ALA A 865 9.15 9.69 5.40
N ALA A 866 9.81 10.77 4.98
CA ALA A 866 11.12 11.14 5.53
C ALA A 866 11.02 11.47 6.98
N ALA A 867 9.98 12.23 7.30
CA ALA A 867 9.76 12.68 8.66
C ALA A 867 9.52 11.51 9.58
N GLN A 868 8.79 10.52 9.06
CA GLN A 868 8.51 9.32 9.82
C GLN A 868 9.82 8.56 10.09
N ALA A 869 10.58 8.31 9.04
CA ALA A 869 11.84 7.59 9.14
C ALA A 869 12.75 8.22 10.19
N ALA A 870 12.88 9.55 10.15
CA ALA A 870 13.65 10.28 11.17
C ALA A 870 13.14 10.03 12.59
N LEU A 871 11.82 9.95 12.74
CA LEU A 871 11.24 9.69 14.03
C LEU A 871 11.27 8.23 14.41
N ASN A 872 11.30 7.34 13.43
CA ASN A 872 11.34 5.92 13.75
C ASN A 872 12.75 5.44 14.13
N ASN A 873 13.77 6.25 13.84
CA ASN A 873 15.17 5.85 14.02
C ASN A 873 15.97 6.87 14.81
S SO4 B . 15.36 5.43 -16.42
O1 SO4 B . 14.79 6.59 -15.70
O2 SO4 B . 15.43 5.73 -17.84
O3 SO4 B . 16.71 5.13 -15.94
O4 SO4 B . 14.48 4.28 -16.21
S SO4 C . 9.47 8.81 -11.63
O1 SO4 C . 9.93 9.35 -10.35
O2 SO4 C . 10.21 7.60 -11.96
O3 SO4 C . 8.05 8.51 -11.56
O4 SO4 C . 9.72 9.80 -12.68
#